data_2GFQ
#
_entry.id   2GFQ
#
_cell.length_a   65.021
_cell.length_b   67.029
_cell.length_c   111.572
_cell.angle_alpha   90.00
_cell.angle_beta   90.09
_cell.angle_gamma   90.00
#
_symmetry.space_group_name_H-M   'P 1 21 1'
#
loop_
_entity.id
_entity.type
_entity.pdbx_description
1 polymer 'UPF0204 protein PH0006'
2 non-polymer 'SULFATE ION'
3 non-polymer 'MAGNESIUM ION'
4 water water
#
_entity_poly.entity_id   1
_entity_poly.type   'polypeptide(L)'
_entity_poly.pdbx_seq_one_letter_code
;MGSSHHHHHHSSGRENLYFQGH(MSE)KVI(MSE)TTKVDKAS(MSE)NI(MSE)NKLIENFGFKETEYVFEGNPVYKRG
DVLILTTNDE(MSE)IYYDYLDREIENQLGFKPEIIAFASRHSSKQKLPALTTHVTGNWGKA(MSE)YGGKDESFAVAIP
SA(MSE)KLSLLK(MSE)SELNDLGWTVCYEATHHGPTELEVPSFFIEIGSSEEEWINDRAGEIIAETIIYVLDNYEKGR
SKFKVALGIGGGHYAPKQTKRALEGDLAFGHILPKYAQPVSRDV(MSE)IKALNRFGEKVEAIYVDWKGSRGETRQLAKS
LAQELGLEFIKDGS
;
_entity_poly.pdbx_strand_id   A,B,C
#
# COMPACT_ATOMS: atom_id res chain seq x y z
N HIS A 10 -10.38 -32.18 39.16
CA HIS A 10 -9.10 -32.74 39.68
C HIS A 10 -8.03 -31.66 39.84
N SER A 11 -7.21 -31.83 40.88
CA SER A 11 -6.14 -30.87 41.15
C SER A 11 -5.07 -30.99 40.06
N SER A 12 -4.24 -29.95 39.94
CA SER A 12 -3.07 -30.03 39.06
C SER A 12 -2.17 -31.19 39.50
N GLY A 13 -2.02 -31.34 40.82
CA GLY A 13 -1.22 -32.44 41.37
C GLY A 13 -1.68 -33.81 40.85
N ARG A 14 -2.98 -34.06 40.88
CA ARG A 14 -3.49 -35.35 40.44
C ARG A 14 -3.32 -35.46 38.92
N GLU A 15 -3.53 -34.34 38.19
CA GLU A 15 -3.32 -34.34 36.72
C GLU A 15 -1.87 -34.63 36.32
N ASN A 16 -0.91 -34.04 37.03
CA ASN A 16 0.50 -34.29 36.75
C ASN A 16 0.90 -35.75 36.98
N LEU A 17 0.19 -36.46 37.86
CA LEU A 17 0.45 -37.89 38.02
C LEU A 17 -0.33 -38.71 37.00
N TYR A 18 -1.58 -38.34 36.75
CA TYR A 18 -2.40 -39.15 35.86
C TYR A 18 -1.91 -39.10 34.40
N PHE A 19 -1.46 -37.92 33.97
CA PHE A 19 -1.11 -37.67 32.58
C PHE A 19 0.38 -37.48 32.40
N GLN A 20 1.17 -38.19 33.20
CA GLN A 20 2.63 -38.04 33.12
C GLN A 20 3.27 -38.53 31.82
N GLY A 21 4.34 -37.87 31.43
CA GLY A 21 5.08 -38.24 30.24
C GLY A 21 4.42 -37.65 29.00
N HIS A 22 4.61 -38.30 27.87
CA HIS A 22 4.06 -37.79 26.61
C HIS A 22 2.64 -38.26 26.52
N LYS A 24 -0.68 -38.17 23.86
CA LYS A 24 -1.00 -37.95 22.43
C LYS A 24 -2.51 -37.82 22.33
N VAL A 25 -2.97 -36.70 21.79
CA VAL A 25 -4.40 -36.39 21.82
C VAL A 25 -5.04 -36.59 20.46
N ILE A 26 -6.14 -37.34 20.46
CA ILE A 26 -7.04 -37.41 19.30
C ILE A 26 -8.19 -36.44 19.58
N THR A 28 -11.73 -34.73 18.56
CA THR A 28 -12.97 -35.03 17.84
C THR A 28 -13.98 -33.91 18.10
N THR A 29 -15.06 -33.85 17.32
CA THR A 29 -16.14 -32.93 17.64
C THR A 29 -17.50 -33.55 17.35
N LYS A 30 -18.47 -33.24 18.21
CA LYS A 30 -19.85 -33.74 18.06
C LYS A 30 -20.50 -33.37 16.74
N VAL A 31 -20.07 -32.28 16.14
CA VAL A 31 -20.77 -31.76 14.95
C VAL A 31 -20.29 -32.38 13.62
N ASP A 32 -19.33 -33.29 13.71
CA ASP A 32 -18.68 -33.81 12.50
C ASP A 32 -18.95 -35.31 12.43
N LYS A 33 -19.75 -35.74 11.44
CA LYS A 33 -20.14 -37.17 11.34
C LYS A 33 -18.96 -38.10 11.13
N ALA A 34 -17.95 -37.65 10.38
CA ALA A 34 -16.71 -38.46 10.20
C ALA A 34 -15.98 -38.63 11.54
N SER A 35 -15.86 -37.52 12.26
CA SER A 35 -15.20 -37.52 13.57
C SER A 35 -15.87 -38.51 14.52
N ASN A 37 -17.82 -41.07 13.70
CA ASN A 37 -17.57 -42.39 13.15
C ASN A 37 -16.21 -42.95 13.62
N ILE A 38 -15.17 -42.17 13.43
CA ILE A 38 -13.81 -42.54 13.79
C ILE A 38 -13.75 -42.80 15.31
N ASN A 40 -16.19 -43.69 17.33
CA ASN A 40 -16.88 -44.95 17.61
C ASN A 40 -15.98 -46.16 17.33
N LYS A 41 -15.25 -46.12 16.21
CA LYS A 41 -14.39 -47.28 15.83
C LYS A 41 -13.22 -47.43 16.80
N LEU A 42 -12.67 -46.32 17.26
CA LEU A 42 -11.57 -46.33 18.23
C LEU A 42 -12.03 -46.98 19.52
N ILE A 43 -13.19 -46.54 20.00
CA ILE A 43 -13.76 -47.06 21.24
C ILE A 43 -14.17 -48.52 21.09
N GLU A 44 -14.74 -48.87 19.96
CA GLU A 44 -15.22 -50.24 19.74
C GLU A 44 -14.09 -51.30 19.72
N ASN A 45 -12.91 -50.89 19.22
CA ASN A 45 -11.92 -51.86 18.74
C ASN A 45 -10.50 -51.79 19.34
N PHE A 46 -10.18 -50.73 20.08
CA PHE A 46 -8.77 -50.51 20.43
C PHE A 46 -8.43 -50.49 21.92
N GLY A 47 -9.41 -50.78 22.75
CA GLY A 47 -9.13 -50.90 24.20
C GLY A 47 -9.08 -49.58 24.94
N PHE A 48 -9.87 -48.61 24.49
CA PHE A 48 -10.02 -47.37 25.27
C PHE A 48 -10.85 -47.60 26.51
N LYS A 49 -10.49 -46.88 27.56
CA LYS A 49 -11.25 -46.86 28.81
C LYS A 49 -11.90 -45.49 29.01
N GLU A 50 -12.95 -45.51 29.83
CA GLU A 50 -13.53 -44.28 30.35
C GLU A 50 -12.60 -43.75 31.46
N THR A 51 -12.61 -42.44 31.68
CA THR A 51 -11.84 -41.85 32.79
C THR A 51 -12.76 -40.96 33.59
N GLU A 52 -12.25 -40.40 34.67
CA GLU A 52 -12.99 -39.41 35.46
C GLU A 52 -12.80 -37.98 34.95
N TYR A 53 -12.11 -37.83 33.81
CA TYR A 53 -11.75 -36.51 33.33
C TYR A 53 -12.72 -36.03 32.26
N VAL A 54 -12.87 -34.72 32.16
CA VAL A 54 -13.76 -34.13 31.16
C VAL A 54 -13.05 -33.00 30.45
N PHE A 55 -13.46 -32.77 29.22
CA PHE A 55 -12.88 -31.70 28.40
C PHE A 55 -14.03 -31.16 27.58
N GLU A 56 -14.24 -29.84 27.67
CA GLU A 56 -15.40 -29.18 27.02
C GLU A 56 -16.72 -29.86 27.41
N GLY A 57 -16.78 -30.33 28.66
CA GLY A 57 -18.01 -30.90 29.21
C GLY A 57 -18.31 -32.32 28.73
N ASN A 58 -17.37 -32.90 27.98
CA ASN A 58 -17.49 -34.24 27.44
C ASN A 58 -16.49 -35.20 28.04
N PRO A 59 -16.82 -36.51 28.06
CA PRO A 59 -15.87 -37.46 28.64
C PRO A 59 -14.55 -37.50 27.89
N VAL A 60 -13.49 -37.82 28.62
CA VAL A 60 -12.17 -38.08 28.06
C VAL A 60 -11.97 -39.60 28.08
N TYR A 61 -11.55 -40.17 26.96
CA TYR A 61 -11.23 -41.62 26.90
C TYR A 61 -9.72 -41.80 26.84
N LYS A 62 -9.26 -42.97 27.25
CA LYS A 62 -7.80 -43.15 27.36
C LYS A 62 -7.41 -44.55 26.92
N ARG A 63 -6.29 -44.64 26.22
CA ARG A 63 -5.70 -45.94 25.92
C ARG A 63 -4.18 -45.74 26.03
N GLY A 64 -3.64 -46.10 27.19
CA GLY A 64 -2.24 -45.83 27.49
C GLY A 64 -1.97 -44.34 27.36
N ASP A 65 -1.06 -43.98 26.45
CA ASP A 65 -0.67 -42.55 26.33
C ASP A 65 -1.48 -41.81 25.28
N VAL A 66 -2.53 -42.45 24.76
CA VAL A 66 -3.40 -41.82 23.77
C VAL A 66 -4.73 -41.47 24.42
N LEU A 67 -5.19 -40.25 24.17
CA LEU A 67 -6.48 -39.77 24.68
C LEU A 67 -7.43 -39.39 23.54
N ILE A 68 -8.73 -39.56 23.78
CA ILE A 68 -9.75 -38.99 22.90
C ILE A 68 -10.44 -37.87 23.68
N LEU A 69 -10.41 -36.67 23.11
CA LEU A 69 -11.10 -35.51 23.63
C LEU A 69 -12.14 -35.13 22.59
N THR A 70 -13.25 -34.53 23.07
CA THR A 70 -14.34 -34.12 22.17
C THR A 70 -14.79 -32.68 22.48
N THR A 71 -14.77 -31.84 21.45
CA THR A 71 -15.30 -30.48 21.59
C THR A 71 -16.73 -30.44 21.01
N ASN A 72 -17.41 -29.31 21.15
CA ASN A 72 -18.85 -29.24 20.80
C ASN A 72 -19.17 -28.52 19.49
N ASP A 73 -18.16 -27.88 18.91
CA ASP A 73 -18.33 -27.09 17.69
C ASP A 73 -17.21 -27.43 16.69
N GLU A 74 -17.13 -26.73 15.56
CA GLU A 74 -16.10 -27.09 14.56
C GLU A 74 -14.70 -26.96 15.19
N ILE A 76 -11.99 -26.47 13.46
CA ILE A 76 -11.17 -25.58 12.62
C ILE A 76 -11.01 -24.16 13.21
N TYR A 77 -11.87 -23.79 14.14
CA TYR A 77 -11.83 -22.43 14.75
C TYR A 77 -11.17 -22.45 16.12
N TYR A 78 -10.74 -23.63 16.54
CA TYR A 78 -10.21 -23.78 17.90
C TYR A 78 -8.71 -23.40 17.99
N ASP A 79 -8.44 -22.14 17.66
CA ASP A 79 -7.15 -21.55 18.01
C ASP A 79 -6.92 -21.69 19.52
N TYR A 80 -5.65 -21.84 19.92
CA TYR A 80 -5.21 -21.96 21.31
C TYR A 80 -5.71 -23.24 21.98
N LEU A 81 -6.06 -24.26 21.17
CA LEU A 81 -6.54 -25.55 21.70
C LEU A 81 -5.55 -26.16 22.69
N ASP A 82 -4.26 -26.08 22.37
CA ASP A 82 -3.23 -26.60 23.27
C ASP A 82 -3.22 -25.92 24.66
N ARG A 83 -3.39 -24.59 24.69
CA ARG A 83 -3.62 -23.86 25.94
C ARG A 83 -4.79 -24.40 26.74
N GLU A 84 -5.86 -24.79 26.05
CA GLU A 84 -7.03 -25.28 26.74
C GLU A 84 -6.88 -26.72 27.24
N ILE A 85 -6.16 -27.55 26.48
CA ILE A 85 -5.84 -28.89 27.00
C ILE A 85 -5.01 -28.74 28.31
N GLU A 86 -4.01 -27.86 28.32
N GLU A 86 -4.04 -27.82 28.27
CA GLU A 86 -3.25 -27.64 29.55
CA GLU A 86 -3.27 -27.43 29.44
C GLU A 86 -4.14 -27.13 30.70
C GLU A 86 -4.14 -26.92 30.61
N ASN A 87 -4.98 -26.15 30.42
N ASN A 87 -5.11 -26.06 30.30
CA ASN A 87 -5.88 -25.59 31.42
CA ASN A 87 -5.99 -25.48 31.34
C ASN A 87 -6.82 -26.65 32.00
C ASN A 87 -6.99 -26.47 31.95
N GLN A 88 -7.51 -27.35 31.10
CA GLN A 88 -8.58 -28.28 31.50
C GLN A 88 -8.07 -29.62 32.03
N LEU A 89 -6.92 -30.09 31.52
CA LEU A 89 -6.43 -31.43 31.87
C LEU A 89 -5.04 -31.44 32.48
N GLY A 90 -4.36 -30.30 32.47
CA GLY A 90 -3.09 -30.15 33.17
C GLY A 90 -1.85 -30.60 32.43
N PHE A 91 -1.93 -30.89 31.13
CA PHE A 91 -0.73 -31.21 30.35
C PHE A 91 -0.74 -30.57 28.96
N LYS A 92 0.45 -30.49 28.35
CA LYS A 92 0.63 -30.03 26.98
C LYS A 92 0.74 -31.30 26.15
N PRO A 93 -0.14 -31.47 25.16
CA PRO A 93 -0.04 -32.69 24.38
C PRO A 93 1.24 -32.73 23.54
N GLU A 94 1.76 -33.93 23.35
CA GLU A 94 2.90 -34.15 22.45
C GLU A 94 2.53 -33.89 20.99
N ILE A 95 1.28 -34.21 20.66
CA ILE A 95 0.75 -34.14 19.30
C ILE A 95 -0.76 -34.06 19.40
N ILE A 96 -1.41 -33.41 18.44
CA ILE A 96 -2.88 -33.50 18.34
C ILE A 96 -3.19 -34.06 16.98
N ALA A 97 -3.97 -35.14 16.94
CA ALA A 97 -4.46 -35.71 15.66
C ALA A 97 -5.92 -35.28 15.58
N PHE A 98 -6.28 -34.42 14.62
CA PHE A 98 -7.70 -34.02 14.47
C PHE A 98 -8.40 -35.03 13.56
N ALA A 99 -9.39 -35.75 14.09
CA ALA A 99 -10.16 -36.72 13.31
C ALA A 99 -11.35 -36.01 12.72
N SER A 100 -11.38 -35.91 11.39
CA SER A 100 -12.23 -34.91 10.75
C SER A 100 -12.84 -35.36 9.44
N ARG A 101 -13.90 -34.67 9.01
CA ARG A 101 -14.40 -34.82 7.65
C ARG A 101 -13.63 -33.89 6.68
N HIS A 102 -13.69 -34.24 5.38
CA HIS A 102 -13.28 -33.36 4.31
C HIS A 102 -14.56 -33.20 3.49
N SER A 103 -14.88 -31.95 3.13
CA SER A 103 -16.07 -31.71 2.33
C SER A 103 -15.70 -31.14 0.95
N SER A 104 -16.30 -31.69 -0.10
CA SER A 104 -16.18 -31.14 -1.47
C SER A 104 -17.49 -31.35 -2.23
N LYS A 105 -17.76 -30.45 -3.18
CA LYS A 105 -18.85 -30.68 -4.14
C LYS A 105 -18.55 -31.83 -5.10
N GLN A 106 -17.27 -32.08 -5.35
CA GLN A 106 -16.89 -33.13 -6.28
C GLN A 106 -17.02 -34.47 -5.57
N LYS A 107 -17.37 -35.50 -6.33
CA LYS A 107 -17.58 -36.84 -5.76
C LYS A 107 -16.25 -37.58 -5.60
N LEU A 108 -15.42 -37.08 -4.67
CA LEU A 108 -14.11 -37.65 -4.42
C LEU A 108 -14.17 -38.43 -3.12
N PRO A 109 -14.16 -39.77 -3.17
CA PRO A 109 -14.04 -40.52 -1.92
C PRO A 109 -12.54 -40.61 -1.58
N ALA A 110 -12.18 -40.16 -0.38
CA ALA A 110 -10.78 -39.99 -0.08
C ALA A 110 -10.44 -40.17 1.38
N LEU A 111 -9.20 -40.58 1.62
CA LEU A 111 -8.65 -40.69 2.99
C LEU A 111 -7.41 -39.86 2.94
N THR A 112 -7.43 -38.75 3.68
CA THR A 112 -6.39 -37.73 3.50
C THR A 112 -5.74 -37.27 4.80
N THR A 113 -4.64 -36.54 4.67
CA THR A 113 -4.02 -35.91 5.84
C THR A 113 -3.39 -34.57 5.42
N HIS A 114 -3.46 -33.59 6.28
CA HIS A 114 -2.81 -32.32 6.01
C HIS A 114 -2.61 -31.52 7.27
N VAL A 115 -1.78 -30.47 7.17
CA VAL A 115 -1.58 -29.54 8.29
C VAL A 115 -2.41 -28.28 7.98
N THR A 116 -2.79 -27.57 9.04
CA THR A 116 -3.62 -26.38 8.91
C THR A 116 -2.76 -25.11 8.84
N GLY A 117 -3.32 -24.07 8.26
CA GLY A 117 -2.57 -22.87 7.96
C GLY A 117 -3.25 -22.08 6.87
N ASN A 118 -2.90 -20.80 6.76
CA ASN A 118 -3.49 -19.91 5.77
C ASN A 118 -2.34 -19.22 5.08
N TRP A 119 -2.15 -19.55 3.80
CA TRP A 119 -1.12 -18.91 2.98
C TRP A 119 -1.46 -17.42 2.81
N GLY A 120 -2.74 -17.09 2.82
CA GLY A 120 -3.22 -15.72 2.64
C GLY A 120 -4.30 -15.43 3.68
N LYS A 121 -5.44 -14.93 3.22
CA LYS A 121 -6.54 -14.62 4.12
C LYS A 121 -7.17 -15.88 4.69
N ALA A 122 -7.48 -15.85 5.98
CA ALA A 122 -8.16 -16.96 6.64
C ALA A 122 -9.67 -16.86 6.41
N TYR A 124 -11.62 -20.00 6.97
CA TYR A 124 -12.14 -21.17 7.69
C TYR A 124 -11.27 -21.42 8.91
N GLY A 125 -11.03 -20.36 9.69
CA GLY A 125 -10.39 -20.51 10.99
C GLY A 125 -8.93 -20.10 10.98
N GLY A 126 -8.43 -19.77 12.17
CA GLY A 126 -7.05 -19.33 12.31
C GLY A 126 -6.82 -17.90 11.83
N LYS A 127 -5.55 -17.53 11.76
CA LYS A 127 -5.13 -16.15 11.43
C LYS A 127 -4.57 -16.08 10.02
N ASP A 128 -4.64 -14.89 9.40
CA ASP A 128 -4.07 -14.69 8.05
C ASP A 128 -2.57 -14.96 8.08
N GLU A 129 -2.07 -15.55 6.99
CA GLU A 129 -0.65 -15.73 6.78
C GLU A 129 0.04 -16.34 8.00
N SER A 130 -0.58 -17.39 8.53
CA SER A 130 -0.12 -18.06 9.75
C SER A 130 -0.33 -19.54 9.57
N PHE A 131 0.40 -20.30 10.37
CA PHE A 131 0.51 -21.75 10.18
C PHE A 131 0.53 -22.48 11.49
N ALA A 132 -0.19 -23.60 11.55
CA ALA A 132 -0.02 -24.52 12.67
C ALA A 132 1.36 -25.19 12.53
N VAL A 133 1.81 -25.82 13.61
CA VAL A 133 3.09 -26.55 13.57
C VAL A 133 2.88 -27.94 12.96
N ALA A 134 3.60 -28.21 11.87
CA ALA A 134 3.42 -29.45 11.10
C ALA A 134 4.14 -30.61 11.79
N ILE A 135 3.62 -31.82 11.58
CA ILE A 135 4.29 -33.04 12.07
C ILE A 135 4.46 -34.03 10.91
N PRO A 136 5.54 -33.84 10.14
CA PRO A 136 5.76 -34.60 8.91
C PRO A 136 5.78 -36.13 9.07
N SER A 137 6.44 -36.63 10.11
CA SER A 137 6.53 -38.11 10.26
C SER A 137 5.14 -38.73 10.40
N ALA A 138 4.30 -38.12 11.24
CA ALA A 138 2.95 -38.65 11.49
C ALA A 138 2.10 -38.64 10.23
N LYS A 140 3.29 -38.77 7.11
CA LYS A 140 3.84 -39.73 6.15
C LYS A 140 3.39 -41.15 6.52
N LEU A 141 3.51 -41.51 7.80
CA LEU A 141 3.04 -42.83 8.25
C LEU A 141 1.54 -42.96 8.03
N SER A 142 0.80 -41.85 8.17
CA SER A 142 -0.65 -41.89 7.87
C SER A 142 -0.92 -42.27 6.39
N LEU A 143 -0.26 -41.62 5.45
CA LEU A 143 -0.39 -41.97 4.04
C LEU A 143 -0.01 -43.44 3.81
N LEU A 144 1.10 -43.88 4.39
CA LEU A 144 1.58 -45.24 4.14
C LEU A 144 0.58 -46.27 4.67
N LYS A 145 0.10 -46.04 5.90
CA LYS A 145 -0.80 -47.00 6.53
C LYS A 145 -2.20 -46.98 5.90
N SER A 147 -2.84 -46.29 2.90
CA SER A 147 -2.64 -46.91 1.58
C SER A 147 -2.68 -48.43 1.69
N GLU A 148 -2.01 -48.94 2.71
CA GLU A 148 -1.99 -50.38 2.97
C GLU A 148 -3.39 -50.92 3.28
N LEU A 149 -4.15 -50.18 4.09
CA LEU A 149 -5.43 -50.64 4.60
C LEU A 149 -6.58 -50.39 3.66
N ASN A 150 -6.33 -49.58 2.62
CA ASN A 150 -7.39 -49.12 1.73
C ASN A 150 -7.88 -50.23 0.81
N ASP A 151 -9.02 -50.84 1.16
CA ASP A 151 -9.73 -51.80 0.31
C ASP A 151 -11.02 -51.21 -0.27
N LEU A 152 -11.09 -49.87 -0.27
CA LEU A 152 -12.24 -49.15 -0.78
C LEU A 152 -12.07 -48.57 -2.20
N GLY A 153 -10.85 -48.55 -2.72
CA GLY A 153 -10.56 -47.88 -3.99
C GLY A 153 -10.57 -46.35 -3.90
N TRP A 154 -10.47 -45.82 -2.68
CA TRP A 154 -10.56 -44.39 -2.48
C TRP A 154 -9.17 -43.80 -2.66
N THR A 155 -9.11 -42.49 -2.87
CA THR A 155 -7.80 -41.84 -3.02
C THR A 155 -7.18 -41.57 -1.63
N VAL A 156 -5.94 -42.02 -1.44
CA VAL A 156 -5.17 -41.70 -0.24
C VAL A 156 -4.13 -40.65 -0.63
N CYS A 157 -4.20 -39.47 -0.01
CA CYS A 157 -3.31 -38.35 -0.41
C CYS A 157 -3.18 -37.29 0.66
N TYR A 158 -2.13 -36.47 0.53
CA TYR A 158 -2.11 -35.23 1.28
C TYR A 158 -3.21 -34.28 0.76
N GLU A 159 -3.53 -33.30 1.59
CA GLU A 159 -4.04 -32.03 1.09
C GLU A 159 -3.04 -30.90 1.34
N ALA A 160 -3.19 -29.83 0.57
CA ALA A 160 -2.48 -28.58 0.83
C ALA A 160 -2.68 -28.10 2.27
N THR A 161 -1.73 -27.31 2.75
CA THR A 161 -1.96 -26.53 4.00
C THR A 161 -3.20 -25.64 3.77
N HIS A 162 -4.21 -25.81 4.61
CA HIS A 162 -5.41 -24.98 4.53
C HIS A 162 -6.25 -25.10 5.78
N HIS A 163 -7.13 -24.11 5.97
N HIS A 163 -7.07 -24.06 6.00
CA HIS A 163 -8.01 -23.93 7.14
CA HIS A 163 -8.02 -23.96 7.12
C HIS A 163 -7.34 -23.88 8.49
C HIS A 163 -7.32 -23.69 8.46
N GLY A 164 -8.11 -23.55 9.51
CA GLY A 164 -7.57 -23.38 10.85
C GLY A 164 -7.63 -24.71 11.58
N PRO A 165 -7.16 -24.72 12.83
CA PRO A 165 -6.59 -23.56 13.52
C PRO A 165 -5.13 -23.31 13.15
N THR A 166 -4.62 -22.12 13.45
CA THR A 166 -3.21 -21.82 13.27
C THR A 166 -2.46 -21.54 14.59
N GLU A 167 -3.19 -21.14 15.63
CA GLU A 167 -2.54 -20.71 16.88
C GLU A 167 -2.40 -21.91 17.80
N LEU A 168 -1.44 -22.76 17.44
CA LEU A 168 -1.14 -24.00 18.13
C LEU A 168 0.35 -24.05 18.17
N GLU A 169 0.91 -24.33 19.34
CA GLU A 169 2.35 -24.48 19.44
C GLU A 169 2.75 -25.97 19.34
N VAL A 170 1.87 -26.86 19.74
CA VAL A 170 2.19 -28.30 19.66
C VAL A 170 2.01 -28.77 18.22
N PRO A 171 2.79 -29.77 17.80
CA PRO A 171 2.61 -30.30 16.44
C PRO A 171 1.23 -30.96 16.28
N SER A 172 0.63 -30.84 15.10
CA SER A 172 -0.69 -31.43 14.87
C SER A 172 -0.90 -31.74 13.42
N PHE A 173 -1.91 -32.56 13.16
CA PHE A 173 -2.32 -32.88 11.80
C PHE A 173 -3.78 -33.22 11.78
N PHE A 174 -4.41 -32.96 10.64
CA PHE A 174 -5.76 -33.40 10.35
C PHE A 174 -5.67 -34.72 9.60
N ILE A 175 -6.57 -35.64 9.93
CA ILE A 175 -6.70 -36.91 9.19
C ILE A 175 -8.18 -37.04 8.89
N GLU A 176 -8.52 -37.25 7.62
CA GLU A 176 -9.89 -36.95 7.18
C GLU A 176 -10.48 -38.00 6.27
N ILE A 177 -11.81 -38.09 6.31
CA ILE A 177 -12.58 -38.84 5.31
C ILE A 177 -13.30 -37.84 4.43
N GLY A 178 -13.14 -37.96 3.11
CA GLY A 178 -13.86 -37.06 2.17
C GLY A 178 -14.77 -37.90 1.26
N SER A 179 -15.80 -37.29 0.64
CA SER A 179 -16.01 -35.83 0.58
C SER A 179 -17.46 -35.43 0.89
N SER A 180 -18.28 -36.39 1.30
CA SER A 180 -19.71 -36.18 1.59
C SER A 180 -20.16 -37.09 2.73
N GLU A 181 -21.37 -36.85 3.25
CA GLU A 181 -21.89 -37.65 4.35
C GLU A 181 -21.80 -39.15 4.08
N GLU A 182 -22.10 -39.56 2.83
CA GLU A 182 -22.06 -40.98 2.47
C GLU A 182 -20.69 -41.62 2.77
N GLU A 183 -19.61 -40.86 2.56
CA GLU A 183 -18.28 -41.34 2.91
C GLU A 183 -18.00 -41.16 4.42
N TRP A 184 -18.39 -40.01 4.97
CA TRP A 184 -18.12 -39.73 6.39
C TRP A 184 -18.61 -40.83 7.34
N ILE A 185 -19.77 -41.44 7.01
CA ILE A 185 -20.37 -42.44 7.90
C ILE A 185 -20.07 -43.90 7.48
N ASN A 186 -19.17 -44.06 6.51
CA ASN A 186 -18.82 -45.39 6.00
C ASN A 186 -18.06 -46.15 7.09
N ASP A 187 -18.57 -47.32 7.50
CA ASP A 187 -17.99 -48.05 8.65
C ASP A 187 -16.52 -48.41 8.41
N ARG A 188 -16.25 -48.92 7.21
CA ARG A 188 -14.89 -49.33 6.85
C ARG A 188 -13.95 -48.14 6.84
N ALA A 189 -14.39 -47.00 6.29
CA ALA A 189 -13.55 -45.80 6.30
C ALA A 189 -13.25 -45.39 7.74
N GLY A 190 -14.25 -45.46 8.61
CA GLY A 190 -14.05 -45.12 10.02
C GLY A 190 -13.00 -46.03 10.64
N GLU A 191 -13.07 -47.32 10.32
CA GLU A 191 -12.13 -48.28 10.85
C GLU A 191 -10.74 -48.09 10.29
N ILE A 192 -10.62 -47.79 8.99
CA ILE A 192 -9.31 -47.50 8.41
C ILE A 192 -8.64 -46.32 9.12
N ILE A 193 -9.40 -45.23 9.32
CA ILE A 193 -8.82 -44.06 9.96
C ILE A 193 -8.44 -44.34 11.44
N ALA A 194 -9.31 -45.05 12.15
CA ALA A 194 -9.04 -45.42 13.56
C ALA A 194 -7.74 -46.23 13.64
N GLU A 195 -7.62 -47.23 12.77
CA GLU A 195 -6.45 -48.12 12.76
C GLU A 195 -5.22 -47.30 12.43
N THR A 196 -5.37 -46.37 11.48
CA THR A 196 -4.26 -45.49 11.08
C THR A 196 -3.80 -44.60 12.23
N ILE A 197 -4.75 -43.93 12.89
CA ILE A 197 -4.38 -43.01 13.99
C ILE A 197 -3.58 -43.78 15.06
N ILE A 198 -4.08 -44.95 15.45
CA ILE A 198 -3.42 -45.76 16.49
C ILE A 198 -1.99 -46.15 16.04
N TYR A 199 -1.88 -46.70 14.84
CA TYR A 199 -0.59 -47.07 14.32
C TYR A 199 0.37 -45.86 14.29
N VAL A 200 -0.13 -44.72 13.81
CA VAL A 200 0.74 -43.54 13.65
C VAL A 200 1.20 -43.05 15.01
N LEU A 201 0.25 -42.90 15.95
CA LEU A 201 0.62 -42.41 17.29
C LEU A 201 1.59 -43.36 17.98
N ASP A 202 1.44 -44.65 17.72
CA ASP A 202 2.29 -45.66 18.36
C ASP A 202 3.70 -45.76 17.72
N ASN A 203 3.86 -45.23 16.50
CA ASN A 203 5.09 -45.48 15.73
C ASN A 203 5.85 -44.26 15.20
N TYR A 204 5.23 -43.08 15.19
CA TYR A 204 5.87 -41.95 14.53
C TYR A 204 7.18 -41.46 15.21
N GLU A 205 7.26 -41.65 16.52
CA GLU A 205 8.43 -41.15 17.27
C GLU A 205 9.68 -41.89 16.84
N LYS A 206 9.58 -43.21 16.69
CA LYS A 206 10.75 -44.02 16.36
C LYS A 206 10.91 -44.15 14.86
N GLY A 207 9.79 -44.17 14.15
CA GLY A 207 9.78 -44.57 12.73
C GLY A 207 10.21 -43.51 11.74
N ARG A 208 10.59 -42.33 12.24
CA ARG A 208 10.88 -41.16 11.39
C ARG A 208 12.36 -40.98 11.05
N SER A 209 13.22 -41.85 11.57
CA SER A 209 14.65 -41.63 11.45
C SER A 209 15.19 -41.60 10.00
N LYS A 210 14.47 -42.24 9.06
CA LYS A 210 14.92 -42.28 7.67
C LYS A 210 14.18 -41.25 6.81
N PHE A 211 13.25 -40.50 7.41
CA PHE A 211 12.47 -39.53 6.61
C PHE A 211 13.24 -38.24 6.36
N LYS A 212 12.97 -37.59 5.21
CA LYS A 212 13.56 -36.32 4.83
C LYS A 212 12.45 -35.30 4.84
N VAL A 213 12.55 -34.34 5.74
CA VAL A 213 11.45 -33.38 5.95
C VAL A 213 11.48 -32.27 4.89
N ALA A 214 10.34 -32.03 4.25
CA ALA A 214 10.27 -31.06 3.13
C ALA A 214 9.07 -30.12 3.22
N LEU A 215 9.30 -28.88 2.79
CA LEU A 215 8.22 -28.00 2.42
C LEU A 215 7.86 -28.40 0.99
N GLY A 216 6.57 -28.58 0.71
CA GLY A 216 6.14 -28.96 -0.65
C GLY A 216 5.49 -27.79 -1.37
N ILE A 217 5.77 -27.67 -2.67
CA ILE A 217 5.28 -26.54 -3.45
C ILE A 217 4.76 -27.04 -4.81
N GLY A 218 3.54 -26.65 -5.16
CA GLY A 218 3.03 -26.89 -6.51
C GLY A 218 2.02 -28.01 -6.61
N GLY A 219 1.28 -28.00 -7.72
CA GLY A 219 0.18 -28.93 -7.93
C GLY A 219 -1.08 -28.44 -7.25
N GLY A 220 -2.16 -29.21 -7.41
CA GLY A 220 -3.47 -28.82 -6.87
C GLY A 220 -3.67 -29.15 -5.39
N HIS A 221 -4.93 -29.08 -4.97
CA HIS A 221 -5.27 -29.20 -3.57
C HIS A 221 -4.88 -30.54 -2.96
N TYR A 222 -4.89 -31.58 -3.80
CA TYR A 222 -4.59 -32.97 -3.36
C TYR A 222 -3.13 -33.38 -3.62
N ALA A 223 -2.30 -32.39 -3.94
CA ALA A 223 -0.84 -32.56 -3.86
C ALA A 223 -0.34 -33.90 -4.44
N PRO A 224 -0.67 -34.18 -5.71
CA PRO A 224 -0.40 -35.50 -6.27
C PRO A 224 1.08 -35.86 -6.30
N LYS A 225 1.96 -34.93 -6.68
CA LYS A 225 3.38 -35.30 -6.78
C LYS A 225 3.97 -35.48 -5.40
N GLN A 226 3.59 -34.62 -4.46
CA GLN A 226 4.04 -34.74 -3.05
C GLN A 226 3.60 -36.09 -2.47
N THR A 227 2.33 -36.44 -2.75
CA THR A 227 1.77 -37.71 -2.30
C THR A 227 2.56 -38.87 -2.88
N LYS A 228 2.78 -38.88 -4.20
CA LYS A 228 3.56 -39.94 -4.83
C LYS A 228 4.95 -40.08 -4.18
N ARG A 229 5.64 -38.97 -3.98
CA ARG A 229 6.97 -39.02 -3.36
C ARG A 229 6.88 -39.59 -1.95
N ALA A 230 5.86 -39.20 -1.20
CA ALA A 230 5.69 -39.67 0.20
C ALA A 230 5.39 -41.15 0.26
N LEU A 231 4.65 -41.65 -0.75
CA LEU A 231 4.31 -43.09 -0.77
C LEU A 231 5.46 -43.95 -1.25
N GLU A 232 6.32 -43.39 -2.11
CA GLU A 232 7.32 -44.21 -2.82
C GLU A 232 8.76 -44.05 -2.31
N GLY A 233 9.04 -42.93 -1.68
CA GLY A 233 10.39 -42.62 -1.19
C GLY A 233 10.47 -42.15 0.24
N ASP A 234 11.49 -41.35 0.56
CA ASP A 234 11.75 -40.95 1.96
C ASP A 234 11.17 -39.59 2.37
N LEU A 235 10.70 -38.81 1.40
CA LEU A 235 10.19 -37.46 1.71
C LEU A 235 8.99 -37.48 2.66
N ALA A 236 9.03 -36.62 3.67
CA ALA A 236 7.93 -36.41 4.60
C ALA A 236 7.60 -34.92 4.54
N PHE A 237 6.45 -34.60 3.94
CA PHE A 237 6.09 -33.21 3.76
C PHE A 237 5.46 -32.64 5.02
N GLY A 238 5.68 -31.34 5.26
CA GLY A 238 4.93 -30.62 6.29
C GLY A 238 3.92 -29.73 5.59
N HIS A 239 4.19 -28.43 5.59
CA HIS A 239 3.35 -27.51 4.82
C HIS A 239 3.49 -27.74 3.34
N ILE A 240 2.38 -27.56 2.61
CA ILE A 240 2.31 -27.75 1.15
C ILE A 240 1.56 -26.54 0.58
N LEU A 241 2.22 -25.87 -0.38
CA LEU A 241 1.75 -24.64 -1.06
C LEU A 241 1.26 -24.97 -2.49
N PRO A 242 -0.06 -25.09 -2.68
CA PRO A 242 -0.62 -25.50 -3.98
C PRO A 242 -0.64 -24.30 -4.95
N LYS A 243 -0.72 -24.58 -6.25
CA LYS A 243 -0.68 -23.49 -7.24
C LYS A 243 -1.75 -22.42 -6.98
N TYR A 244 -2.95 -22.83 -6.58
CA TYR A 244 -4.03 -21.84 -6.44
C TYR A 244 -3.73 -20.78 -5.36
N ALA A 245 -2.80 -21.12 -4.45
CA ALA A 245 -2.43 -20.27 -3.32
C ALA A 245 -1.18 -19.43 -3.62
N GLN A 246 -0.56 -19.68 -4.77
CA GLN A 246 0.64 -18.93 -5.19
C GLN A 246 0.17 -17.72 -5.97
N PRO A 247 0.98 -16.65 -6.02
CA PRO A 247 2.27 -16.54 -5.34
C PRO A 247 2.14 -16.13 -3.87
N VAL A 248 3.18 -16.39 -3.09
CA VAL A 248 3.31 -15.84 -1.73
C VAL A 248 4.63 -15.10 -1.58
N SER A 249 4.69 -14.22 -0.59
CA SER A 249 5.88 -13.42 -0.37
C SER A 249 7.00 -14.26 0.26
N ARG A 250 8.21 -13.73 0.16
CA ARG A 250 9.34 -14.36 0.81
C ARG A 250 9.05 -14.52 2.31
N ASP A 251 8.46 -13.50 2.93
CA ASP A 251 8.26 -13.50 4.38
C ASP A 251 7.26 -14.60 4.78
N VAL A 252 6.24 -14.80 3.93
CA VAL A 252 5.23 -15.82 4.20
C VAL A 252 5.86 -17.22 4.07
N ILE A 254 9.02 -18.02 4.46
CA ILE A 254 9.91 -18.17 5.60
C ILE A 254 9.12 -18.54 6.86
N LYS A 255 7.97 -17.90 7.05
CA LYS A 255 7.10 -18.18 8.19
C LYS A 255 6.68 -19.64 8.22
N ALA A 256 6.22 -20.14 7.07
CA ALA A 256 5.85 -21.56 6.97
C ALA A 256 7.02 -22.49 7.27
N LEU A 257 8.20 -22.13 6.77
CA LEU A 257 9.40 -22.96 7.00
C LEU A 257 9.75 -23.00 8.48
N ASN A 258 9.33 -21.97 9.22
CA ASN A 258 9.58 -21.91 10.65
C ASN A 258 8.45 -22.54 11.51
N ARG A 259 7.53 -23.23 10.85
CA ARG A 259 6.39 -23.85 11.53
C ARG A 259 6.31 -25.35 11.27
N PHE A 260 7.46 -26.00 11.41
CA PHE A 260 7.58 -27.47 11.35
C PHE A 260 8.01 -27.97 12.73
N GLY A 261 7.41 -29.09 13.16
CA GLY A 261 7.76 -29.72 14.42
C GLY A 261 8.99 -30.65 14.34
N GLU A 262 9.44 -30.90 13.11
CA GLU A 262 10.66 -31.65 12.83
C GLU A 262 11.45 -30.78 11.87
N LYS A 263 12.75 -30.69 12.06
CA LYS A 263 13.60 -29.79 11.27
C LYS A 263 13.47 -29.97 9.75
N VAL A 264 13.20 -28.87 9.04
CA VAL A 264 13.11 -28.90 7.58
C VAL A 264 14.49 -29.18 6.97
N GLU A 265 14.53 -30.04 5.96
CA GLU A 265 15.77 -30.43 5.29
C GLU A 265 15.77 -30.11 3.80
N ALA A 266 14.58 -29.94 3.22
CA ALA A 266 14.44 -29.74 1.79
C ALA A 266 13.28 -28.81 1.46
N ILE A 267 13.39 -28.13 0.31
CA ILE A 267 12.23 -27.53 -0.32
C ILE A 267 12.03 -28.29 -1.63
N TYR A 268 10.83 -28.84 -1.78
CA TYR A 268 10.46 -29.66 -2.92
C TYR A 268 9.52 -28.86 -3.79
N VAL A 269 9.76 -28.85 -5.10
CA VAL A 269 8.90 -28.13 -6.04
C VAL A 269 8.39 -29.03 -7.18
N ASP A 270 7.06 -29.16 -7.29
CA ASP A 270 6.41 -29.67 -8.49
C ASP A 270 6.53 -28.50 -9.47
N TRP A 271 7.50 -28.58 -10.37
CA TRP A 271 7.91 -27.44 -11.20
C TRP A 271 6.81 -26.89 -12.12
N LYS A 272 6.24 -27.76 -12.96
CA LYS A 272 5.18 -27.35 -13.90
C LYS A 272 3.88 -27.02 -13.16
N GLY A 273 3.78 -27.49 -11.93
CA GLY A 273 2.62 -27.23 -11.07
C GLY A 273 2.79 -25.97 -10.21
N SER A 274 3.82 -25.17 -10.53
CA SER A 274 4.10 -23.97 -9.74
C SER A 274 4.22 -22.74 -10.63
N ARG A 275 3.91 -21.58 -10.03
N ARG A 275 3.91 -21.58 -10.06
CA ARG A 275 4.12 -20.29 -10.66
CA ARG A 275 4.08 -20.31 -10.79
C ARG A 275 5.61 -20.06 -10.82
C ARG A 275 5.55 -19.96 -10.79
N GLY A 276 6.00 -19.38 -11.91
CA GLY A 276 7.43 -19.00 -12.08
C GLY A 276 8.01 -18.25 -10.90
N GLU A 277 7.32 -17.21 -10.46
CA GLU A 277 7.87 -16.38 -9.39
C GLU A 277 8.06 -17.19 -8.09
N THR A 278 7.14 -18.11 -7.83
CA THR A 278 7.19 -18.91 -6.60
C THR A 278 8.25 -20.00 -6.65
N ARG A 279 8.39 -20.66 -7.80
CA ARG A 279 9.43 -21.70 -7.89
C ARG A 279 10.83 -21.07 -7.83
N GLN A 280 11.01 -19.88 -8.41
CA GLN A 280 12.32 -19.19 -8.30
C GLN A 280 12.61 -18.75 -6.86
N LEU A 281 11.59 -18.28 -6.18
CA LEU A 281 11.76 -17.87 -4.78
C LEU A 281 12.16 -19.09 -3.95
N ALA A 282 11.46 -20.20 -4.16
CA ALA A 282 11.79 -21.44 -3.44
C ALA A 282 13.25 -21.84 -3.62
N LYS A 283 13.72 -21.78 -4.86
CA LYS A 283 15.08 -22.18 -5.19
C LYS A 283 16.10 -21.28 -4.50
N SER A 284 15.83 -19.98 -4.51
CA SER A 284 16.72 -19.00 -3.88
C SER A 284 16.74 -19.13 -2.36
N LEU A 285 15.57 -19.34 -1.75
CA LEU A 285 15.49 -19.56 -0.32
C LEU A 285 16.14 -20.87 0.11
N ALA A 286 15.98 -21.94 -0.67
CA ALA A 286 16.67 -23.20 -0.38
C ALA A 286 18.18 -22.95 -0.27
N GLN A 287 18.73 -22.27 -1.27
CA GLN A 287 20.15 -21.98 -1.29
C GLN A 287 20.54 -21.12 -0.09
N GLU A 288 19.79 -20.03 0.12
CA GLU A 288 20.02 -19.12 1.25
C GLU A 288 20.00 -19.83 2.60
N LEU A 289 19.03 -20.71 2.80
CA LEU A 289 18.80 -21.34 4.10
C LEU A 289 19.53 -22.67 4.30
N GLY A 290 20.25 -23.12 3.28
CA GLY A 290 20.98 -24.39 3.37
C GLY A 290 20.08 -25.61 3.39
N LEU A 291 19.03 -25.58 2.56
CA LEU A 291 18.14 -26.72 2.39
C LEU A 291 18.34 -27.32 1.01
N GLU A 292 18.15 -28.62 0.89
CA GLU A 292 18.19 -29.29 -0.40
C GLU A 292 17.04 -28.80 -1.27
N PHE A 293 17.31 -28.57 -2.55
CA PHE A 293 16.26 -28.20 -3.48
C PHE A 293 15.95 -29.38 -4.38
N ILE A 294 14.70 -29.83 -4.34
CA ILE A 294 14.30 -31.00 -5.08
C ILE A 294 13.26 -30.56 -6.11
N LYS A 295 13.63 -30.73 -7.38
CA LYS A 295 12.86 -30.24 -8.53
C LYS A 295 12.26 -31.49 -9.18
N ASP A 296 10.94 -31.59 -9.16
CA ASP A 296 10.22 -32.61 -9.88
C ASP A 296 9.65 -32.01 -11.19
N GLY A 297 10.23 -32.43 -12.33
CA GLY A 297 9.84 -31.88 -13.63
C GLY A 297 10.71 -30.71 -14.06
N TYR B 18 13.88 -19.73 -31.74
CA TYR B 18 12.97 -18.66 -32.23
C TYR B 18 13.33 -17.27 -31.72
N PHE B 19 13.80 -17.18 -30.48
CA PHE B 19 14.08 -15.89 -29.87
C PHE B 19 15.55 -15.57 -29.90
N GLN B 20 16.19 -15.93 -31.01
CA GLN B 20 17.60 -15.63 -31.23
C GLN B 20 17.84 -14.17 -31.57
N GLY B 21 19.00 -13.67 -31.16
CA GLY B 21 19.28 -12.25 -31.22
C GLY B 21 19.22 -11.67 -29.83
N HIS B 22 19.26 -10.35 -29.74
CA HIS B 22 19.22 -9.71 -28.43
C HIS B 22 17.85 -9.13 -28.07
N LYS B 24 14.74 -7.49 -26.41
CA LYS B 24 14.32 -6.48 -25.45
C LYS B 24 12.91 -6.85 -25.00
N VAL B 25 12.66 -6.88 -23.70
CA VAL B 25 11.36 -7.35 -23.22
C VAL B 25 10.50 -6.25 -22.62
N ILE B 26 9.23 -6.23 -23.03
CA ILE B 26 8.24 -5.39 -22.38
C ILE B 26 7.41 -6.30 -21.49
N THR B 28 4.24 -6.99 -18.91
CA THR B 28 2.90 -6.50 -18.62
C THR B 28 2.26 -7.46 -17.64
N THR B 29 1.14 -7.06 -17.05
CA THR B 29 0.35 -7.97 -16.21
C THR B 29 -1.14 -7.76 -16.37
N LYS B 30 -1.87 -8.87 -16.29
CA LYS B 30 -3.32 -8.86 -16.43
C LYS B 30 -4.06 -8.15 -15.30
N VAL B 31 -3.39 -7.97 -14.16
CA VAL B 31 -4.05 -7.40 -12.98
C VAL B 31 -3.93 -5.87 -12.91
N ASP B 32 -3.25 -5.30 -13.90
CA ASP B 32 -2.97 -3.86 -13.87
C ASP B 32 -3.62 -3.25 -15.11
N LYS B 33 -4.62 -2.40 -14.87
CA LYS B 33 -5.37 -1.76 -15.96
C LYS B 33 -4.51 -0.87 -16.85
N ALA B 34 -3.52 -0.17 -16.27
CA ALA B 34 -2.61 0.64 -17.10
C ALA B 34 -1.75 -0.26 -17.97
N SER B 35 -1.26 -1.35 -17.37
CA SER B 35 -0.42 -2.29 -18.08
C SER B 35 -1.16 -2.84 -19.30
N ASN B 37 -3.77 -1.51 -20.87
CA ASN B 37 -4.00 -0.42 -21.80
C ASN B 37 -2.76 -0.26 -22.69
N ILE B 38 -1.62 -0.11 -22.05
CA ILE B 38 -0.36 0.07 -22.77
C ILE B 38 -0.09 -1.14 -23.68
N ASN B 40 -2.19 -3.22 -25.19
CA ASN B 40 -3.01 -3.16 -26.40
C ASN B 40 -2.62 -2.05 -27.36
N LYS B 41 -2.25 -0.88 -26.84
CA LYS B 41 -1.76 0.21 -27.70
C LYS B 41 -0.46 -0.18 -28.42
N LEU B 42 0.45 -0.87 -27.73
CA LEU B 42 1.65 -1.38 -28.40
C LEU B 42 1.29 -2.29 -29.58
N ILE B 43 0.39 -3.24 -29.33
CA ILE B 43 0.03 -4.23 -30.35
C ILE B 43 -0.73 -3.58 -31.52
N GLU B 44 -1.61 -2.64 -31.19
CA GLU B 44 -2.46 -1.97 -32.20
C GLU B 44 -1.67 -1.00 -33.06
N ASN B 45 -0.68 -0.34 -32.46
CA ASN B 45 0.03 0.77 -33.16
C ASN B 45 1.40 0.44 -33.74
N PHE B 46 1.91 -0.75 -33.44
CA PHE B 46 3.22 -1.22 -33.92
C PHE B 46 3.16 -2.64 -34.46
N GLY B 47 4.21 -3.06 -35.14
CA GLY B 47 4.14 -4.30 -35.92
C GLY B 47 4.37 -5.56 -35.12
N PHE B 48 3.64 -5.70 -34.01
CA PHE B 48 3.74 -6.91 -33.19
C PHE B 48 2.92 -8.01 -33.81
N LYS B 49 3.50 -9.20 -33.88
CA LYS B 49 2.73 -10.38 -34.25
C LYS B 49 2.54 -11.26 -33.01
N GLU B 50 1.46 -12.03 -32.96
CA GLU B 50 1.29 -13.03 -31.91
C GLU B 50 2.08 -14.30 -32.26
N THR B 51 3.08 -14.60 -31.45
CA THR B 51 3.89 -15.78 -31.72
C THR B 51 3.14 -17.02 -31.23
N GLU B 52 3.74 -18.18 -31.48
CA GLU B 52 3.17 -19.44 -31.04
C GLU B 52 3.62 -19.78 -29.63
N TYR B 53 4.46 -18.91 -29.04
CA TYR B 53 5.06 -19.20 -27.74
C TYR B 53 4.34 -18.53 -26.58
N VAL B 54 4.49 -19.11 -25.38
CA VAL B 54 3.80 -18.58 -24.22
C VAL B 54 4.76 -18.31 -23.06
N PHE B 55 4.37 -17.34 -22.26
CA PHE B 55 5.12 -17.00 -21.03
C PHE B 55 4.06 -16.83 -19.94
N GLU B 56 4.23 -17.52 -18.83
CA GLU B 56 3.22 -17.56 -17.76
C GLU B 56 1.86 -17.98 -18.30
N GLY B 57 1.87 -18.85 -19.29
CA GLY B 57 0.61 -19.30 -19.90
C GLY B 57 -0.08 -18.32 -20.83
N ASN B 58 0.51 -17.14 -21.02
CA ASN B 58 -0.06 -16.10 -21.88
C ASN B 58 0.70 -15.92 -23.17
N PRO B 59 0.02 -15.44 -24.26
CA PRO B 59 0.75 -15.29 -25.52
C PRO B 59 1.95 -14.34 -25.43
N VAL B 60 2.94 -14.60 -26.27
CA VAL B 60 4.12 -13.72 -26.40
C VAL B 60 4.02 -13.01 -27.77
N TYR B 61 4.16 -11.68 -27.79
CA TYR B 61 4.11 -10.93 -29.04
C TYR B 61 5.50 -10.48 -29.43
N LYS B 62 5.74 -10.32 -30.72
CA LYS B 62 7.10 -10.03 -31.20
C LYS B 62 7.08 -8.98 -32.31
N ARG B 63 7.94 -7.99 -32.19
CA ARG B 63 8.20 -7.01 -33.25
C ARG B 63 9.73 -6.88 -33.35
N GLY B 64 10.31 -7.56 -34.34
CA GLY B 64 11.78 -7.58 -34.44
C GLY B 64 12.36 -8.10 -33.15
N ASP B 65 13.26 -7.31 -32.56
CA ASP B 65 13.97 -7.65 -31.33
C ASP B 65 13.23 -7.24 -30.05
N VAL B 66 11.94 -6.93 -30.18
CA VAL B 66 11.14 -6.48 -29.04
C VAL B 66 10.03 -7.49 -28.79
N LEU B 67 9.91 -7.92 -27.53
CA LEU B 67 8.88 -8.88 -27.14
C LEU B 67 7.96 -8.27 -26.10
N ILE B 68 6.68 -8.67 -26.14
CA ILE B 68 5.75 -8.39 -25.05
C ILE B 68 5.41 -9.72 -24.37
N LEU B 69 5.62 -9.76 -23.06
CA LEU B 69 5.28 -10.89 -22.20
C LEU B 69 4.28 -10.38 -21.17
N THR B 70 3.45 -11.29 -20.66
CA THR B 70 2.41 -10.92 -19.70
C THR B 70 2.39 -11.93 -18.57
N THR B 71 2.46 -11.43 -17.33
CA THR B 71 2.32 -12.28 -16.17
C THR B 71 0.87 -12.16 -15.60
N ASN B 72 0.53 -12.99 -14.61
CA ASN B 72 -0.86 -13.11 -14.11
C ASN B 72 -1.13 -12.40 -12.78
N ASP B 73 -0.06 -11.93 -12.17
CA ASP B 73 -0.12 -11.26 -10.85
C ASP B 73 0.71 -9.99 -10.85
N GLU B 74 0.78 -9.28 -9.72
CA GLU B 74 1.55 -8.02 -9.70
C GLU B 74 3.00 -8.30 -10.11
N ILE B 76 5.53 -6.37 -9.30
CA ILE B 76 6.46 -5.81 -8.30
C ILE B 76 7.02 -6.88 -7.37
N TYR B 77 6.36 -8.04 -7.33
CA TYR B 77 6.85 -9.14 -6.49
C TYR B 77 7.64 -10.18 -7.26
N TYR B 78 7.76 -10.00 -8.57
CA TYR B 78 8.42 -11.01 -9.42
C TYR B 78 9.94 -10.87 -9.39
N ASP B 79 10.52 -11.06 -8.20
CA ASP B 79 11.98 -11.26 -8.11
C ASP B 79 12.34 -12.47 -8.98
N TYR B 80 13.54 -12.44 -9.57
CA TYR B 80 14.05 -13.55 -10.41
C TYR B 80 13.28 -13.70 -11.73
N LEU B 81 12.60 -12.64 -12.13
CA LEU B 81 11.86 -12.63 -13.39
C LEU B 81 12.78 -12.98 -14.56
N ASP B 82 14.01 -12.44 -14.57
CA ASP B 82 14.96 -12.77 -15.64
C ASP B 82 15.27 -14.26 -15.73
N ARG B 83 15.35 -14.93 -14.58
CA ARG B 83 15.59 -16.38 -14.57
C ARG B 83 14.44 -17.15 -15.21
N GLU B 84 13.22 -16.63 -15.05
CA GLU B 84 12.06 -17.27 -15.63
C GLU B 84 11.92 -17.01 -17.12
N ILE B 85 12.31 -15.81 -17.56
CA ILE B 85 12.35 -15.54 -19.00
C ILE B 85 13.34 -16.52 -19.65
N GLU B 86 14.53 -16.66 -19.08
CA GLU B 86 15.50 -17.65 -19.54
C GLU B 86 14.92 -19.09 -19.53
N ASN B 87 14.26 -19.47 -18.44
CA ASN B 87 13.70 -20.82 -18.30
C ASN B 87 12.60 -21.11 -19.33
N GLN B 88 11.67 -20.17 -19.50
CA GLN B 88 10.48 -20.39 -20.33
C GLN B 88 10.73 -20.14 -21.82
N LEU B 89 11.60 -19.17 -22.13
CA LEU B 89 11.80 -18.70 -23.51
C LEU B 89 13.22 -18.89 -24.06
N GLY B 90 14.14 -19.29 -23.19
CA GLY B 90 15.49 -19.69 -23.61
C GLY B 90 16.43 -18.57 -24.00
N PHE B 91 16.20 -17.36 -23.49
CA PHE B 91 17.11 -16.23 -23.70
C PHE B 91 17.19 -15.30 -22.48
N LYS B 92 18.30 -14.57 -22.40
CA LYS B 92 18.51 -13.57 -21.37
C LYS B 92 18.13 -12.22 -21.99
N PRO B 93 17.15 -11.51 -21.40
CA PRO B 93 16.79 -10.22 -21.99
C PRO B 93 17.90 -9.18 -21.87
N GLU B 94 17.98 -8.31 -22.86
CA GLU B 94 18.92 -7.20 -22.85
C GLU B 94 18.47 -6.12 -21.85
N ILE B 95 17.16 -6.00 -21.72
CA ILE B 95 16.52 -4.98 -20.92
C ILE B 95 15.09 -5.44 -20.64
N ILE B 96 14.52 -4.95 -19.55
CA ILE B 96 13.10 -5.16 -19.30
C ILE B 96 12.45 -3.81 -19.03
N ALA B 97 11.39 -3.53 -19.78
CA ALA B 97 10.58 -2.34 -19.59
C ALA B 97 9.27 -2.80 -18.98
N PHE B 98 9.02 -2.44 -17.72
CA PHE B 98 7.76 -2.84 -17.06
C PHE B 98 6.71 -1.75 -17.30
N ALA B 99 5.63 -2.10 -18.02
CA ALA B 99 4.53 -1.16 -18.27
C ALA B 99 3.52 -1.28 -17.11
N SER B 100 3.33 -0.19 -16.36
CA SER B 100 2.73 -0.28 -15.02
C SER B 100 1.81 0.89 -14.71
N ARG B 101 0.90 0.70 -13.75
CA ARG B 101 0.18 1.81 -13.13
C ARG B 101 1.04 2.43 -12.01
N HIS B 102 0.77 3.69 -11.69
CA HIS B 102 1.18 4.32 -10.44
C HIS B 102 -0.13 4.61 -9.70
N SER B 103 -0.12 4.39 -8.39
CA SER B 103 -1.30 4.60 -7.59
C SER B 103 -1.07 5.60 -6.46
N SER B 104 -1.92 6.61 -6.37
CA SER B 104 -1.90 7.58 -5.26
C SER B 104 -3.30 8.05 -4.97
N LYS B 105 -3.51 8.50 -3.72
CA LYS B 105 -4.79 9.05 -3.32
C LYS B 105 -4.94 10.49 -3.82
N GLN B 106 -3.81 11.14 -4.09
CA GLN B 106 -3.84 12.52 -4.61
C GLN B 106 -4.22 12.50 -6.09
N LYS B 107 -4.87 13.56 -6.54
CA LYS B 107 -5.37 13.62 -7.90
C LYS B 107 -4.29 14.12 -8.82
N LEU B 108 -3.26 13.29 -8.96
CA LEU B 108 -2.10 13.58 -9.78
C LEU B 108 -2.14 12.76 -11.07
N PRO B 109 -2.44 13.40 -12.21
CA PRO B 109 -2.32 12.65 -13.46
C PRO B 109 -0.89 12.79 -14.00
N ALA B 110 -0.24 11.65 -14.21
CA ALA B 110 1.20 11.65 -14.48
C ALA B 110 1.63 10.54 -15.42
N LEU B 111 2.73 10.79 -16.11
CA LEU B 111 3.40 9.81 -16.94
C LEU B 111 4.83 9.77 -16.42
N THR B 112 5.21 8.64 -15.83
CA THR B 112 6.45 8.63 -15.04
C THR B 112 7.37 7.47 -15.42
N THR B 113 8.62 7.54 -14.95
CA THR B 113 9.52 6.41 -15.07
C THR B 113 10.39 6.32 -13.84
N HIS B 114 10.74 5.11 -13.43
CA HIS B 114 11.64 4.95 -12.29
C HIS B 114 12.24 3.56 -12.28
N VAL B 115 13.26 3.38 -11.46
CA VAL B 115 13.87 2.07 -11.23
C VAL B 115 13.36 1.57 -9.88
N THR B 116 13.35 0.25 -9.72
CA THR B 116 12.87 -0.37 -8.48
C THR B 116 14.00 -0.66 -7.49
N GLY B 117 13.63 -0.73 -6.23
CA GLY B 117 14.62 -0.88 -5.16
C GLY B 117 14.05 -0.44 -3.82
N ASN B 118 14.73 -0.84 -2.77
CA ASN B 118 14.29 -0.58 -1.39
C ASN B 118 15.43 0.04 -0.63
N TRP B 119 15.31 1.34 -0.30
CA TRP B 119 16.33 2.03 0.51
C TRP B 119 16.46 1.46 1.91
N GLY B 120 15.34 0.97 2.44
CA GLY B 120 15.29 0.29 3.74
C GLY B 120 14.47 -0.99 3.62
N LYS B 121 13.45 -1.12 4.46
CA LYS B 121 12.59 -2.29 4.43
C LYS B 121 11.73 -2.38 3.16
N ALA B 122 11.61 -3.59 2.63
CA ALA B 122 10.78 -3.87 1.45
C ALA B 122 9.35 -4.14 1.89
N TYR B 124 6.69 -3.58 -0.62
CA TYR B 124 5.99 -3.83 -1.89
C TYR B 124 6.88 -4.57 -2.90
N GLY B 125 7.47 -5.68 -2.44
CA GLY B 125 8.25 -6.57 -3.31
C GLY B 125 9.75 -6.35 -3.20
N GLY B 126 10.52 -7.35 -3.61
CA GLY B 126 11.97 -7.25 -3.57
C GLY B 126 12.50 -7.51 -2.16
N LYS B 127 13.80 -7.26 -2.00
CA LYS B 127 14.47 -7.48 -0.73
C LYS B 127 14.87 -6.16 -0.06
N ASP B 128 15.00 -6.21 1.28
CA ASP B 128 15.41 -5.04 2.05
C ASP B 128 16.75 -4.53 1.54
N GLU B 129 16.91 -3.21 1.47
CA GLU B 129 18.25 -2.61 1.19
C GLU B 129 18.89 -3.24 -0.06
N SER B 130 18.07 -3.39 -1.10
CA SER B 130 18.48 -4.00 -2.36
C SER B 130 17.89 -3.24 -3.51
N PHE B 131 18.49 -3.38 -4.70
CA PHE B 131 18.15 -2.52 -5.84
C PHE B 131 18.14 -3.31 -7.14
N ALA B 132 17.17 -3.03 -8.00
CA ALA B 132 17.26 -3.47 -9.38
C ALA B 132 18.41 -2.71 -10.08
N VAL B 133 18.85 -3.24 -11.20
CA VAL B 133 19.87 -2.60 -12.02
C VAL B 133 19.22 -1.50 -12.88
N ALA B 134 19.65 -0.27 -12.65
CA ALA B 134 19.06 0.90 -13.31
C ALA B 134 19.56 0.99 -14.74
N ILE B 135 18.74 1.58 -15.61
CA ILE B 135 19.14 1.86 -16.99
C ILE B 135 18.87 3.35 -17.29
N PRO B 136 19.83 4.20 -16.89
CA PRO B 136 19.63 5.66 -17.01
C PRO B 136 19.26 6.14 -18.42
N SER B 137 19.90 5.62 -19.46
CA SER B 137 19.68 6.15 -20.82
C SER B 137 18.22 5.98 -21.22
N ALA B 138 17.69 4.79 -20.93
CA ALA B 138 16.32 4.44 -21.28
C ALA B 138 15.33 5.37 -20.53
N LYS B 140 15.94 8.42 -19.27
CA LYS B 140 16.07 9.80 -19.76
C LYS B 140 15.33 9.99 -21.09
N LEU B 141 15.55 9.05 -22.02
CA LEU B 141 14.82 9.06 -23.29
C LEU B 141 13.30 9.00 -23.05
N SER B 142 12.87 8.21 -22.06
CA SER B 142 11.44 8.13 -21.68
C SER B 142 10.88 9.50 -21.31
N LEU B 143 11.57 10.20 -20.40
CA LEU B 143 11.15 11.52 -19.97
C LEU B 143 11.04 12.49 -21.18
N LEU B 144 12.07 12.47 -22.03
CA LEU B 144 12.12 13.41 -23.14
C LEU B 144 10.98 13.12 -24.13
N LYS B 145 10.77 11.83 -24.44
CA LYS B 145 9.75 11.45 -25.44
C LYS B 145 8.32 11.63 -24.88
N SER B 147 7.51 13.75 -22.66
CA SER B 147 7.29 15.22 -22.64
C SER B 147 6.88 15.74 -24.01
N GLU B 148 7.54 15.24 -25.05
CA GLU B 148 7.26 15.69 -26.41
C GLU B 148 5.82 15.30 -26.82
N LEU B 149 5.42 14.11 -26.42
CA LEU B 149 4.11 13.59 -26.84
C LEU B 149 2.96 14.06 -25.96
N ASN B 150 3.26 14.65 -24.82
CA ASN B 150 2.26 14.96 -23.80
C ASN B 150 1.33 16.12 -24.18
N ASP B 151 0.17 15.78 -24.71
CA ASP B 151 -0.87 16.78 -25.01
C ASP B 151 -2.05 16.68 -24.03
N LEU B 152 -1.80 16.06 -22.88
CA LEU B 152 -2.84 15.82 -21.86
C LEU B 152 -2.76 16.83 -20.70
N GLY B 153 -1.65 17.55 -20.61
CA GLY B 153 -1.44 18.48 -19.51
C GLY B 153 -0.97 17.77 -18.25
N TRP B 154 -0.61 16.49 -18.37
CA TRP B 154 -0.21 15.70 -17.20
C TRP B 154 1.26 15.97 -16.84
N THR B 155 1.66 15.58 -15.63
CA THR B 155 3.04 15.73 -15.19
C THR B 155 3.90 14.57 -15.69
N VAL B 156 5.01 14.91 -16.33
CA VAL B 156 6.01 13.92 -16.77
C VAL B 156 7.20 14.06 -15.84
N CYS B 157 7.53 12.98 -15.12
CA CYS B 157 8.63 13.09 -14.14
C CYS B 157 9.21 11.73 -13.82
N TYR B 158 10.42 11.72 -13.25
CA TYR B 158 10.88 10.51 -12.54
C TYR B 158 9.99 10.25 -11.32
N GLU B 159 10.04 9.01 -10.83
CA GLU B 159 9.79 8.78 -9.43
C GLU B 159 11.09 8.31 -8.75
N ALA B 160 11.13 8.46 -7.43
CA ALA B 160 12.20 7.87 -6.62
C ALA B 160 12.31 6.36 -6.85
N THR B 161 13.49 5.80 -6.58
CA THR B 161 13.62 4.33 -6.48
C THR B 161 12.67 3.85 -5.39
N HIS B 162 11.75 2.94 -5.77
CA HIS B 162 10.84 2.32 -4.80
C HIS B 162 10.25 1.04 -5.33
N HIS B 163 9.71 0.23 -4.42
N HIS B 163 9.77 0.18 -4.42
CA HIS B 163 9.09 -1.08 -4.68
CA HIS B 163 9.05 -1.06 -4.74
C HIS B 163 9.95 -2.11 -5.41
C HIS B 163 9.98 -2.13 -5.32
N GLY B 164 9.44 -3.33 -5.51
CA GLY B 164 10.18 -4.38 -6.17
C GLY B 164 9.86 -4.43 -7.65
N PRO B 165 10.48 -5.38 -8.37
CA PRO B 165 11.44 -6.35 -7.85
C PRO B 165 12.85 -5.79 -7.69
N THR B 166 13.66 -6.47 -6.90
CA THR B 166 15.10 -6.10 -6.79
C THR B 166 16.04 -7.18 -7.33
N GLU B 167 15.57 -8.43 -7.34
CA GLU B 167 16.44 -9.56 -7.69
C GLU B 167 16.37 -9.79 -9.19
N LEU B 168 17.03 -8.90 -9.91
CA LEU B 168 17.07 -8.91 -11.38
C LEU B 168 18.50 -8.53 -11.71
N GLU B 169 19.10 -9.23 -12.69
CA GLU B 169 20.48 -8.94 -13.12
C GLU B 169 20.52 -8.49 -14.57
N VAL B 170 19.37 -8.08 -15.09
CA VAL B 170 19.27 -7.43 -16.39
C VAL B 170 18.79 -6.00 -16.09
N PRO B 171 19.29 -5.00 -16.83
CA PRO B 171 18.83 -3.63 -16.60
C PRO B 171 17.32 -3.50 -16.84
N SER B 172 16.65 -2.68 -16.04
CA SER B 172 15.19 -2.56 -16.19
C SER B 172 14.69 -1.21 -15.71
N PHE B 173 13.48 -0.88 -16.12
CA PHE B 173 12.82 0.34 -15.66
C PHE B 173 11.30 0.15 -15.72
N PHE B 174 10.61 0.90 -14.86
CA PHE B 174 9.15 0.98 -14.86
C PHE B 174 8.81 2.24 -15.62
N ILE B 175 7.76 2.17 -16.43
CA ILE B 175 7.17 3.33 -17.06
C ILE B 175 5.67 3.27 -16.77
N GLU B 176 5.11 4.36 -16.28
CA GLU B 176 3.86 4.29 -15.52
C GLU B 176 2.88 5.39 -15.88
N ILE B 177 1.59 5.08 -15.72
CA ILE B 177 0.54 6.08 -15.82
C ILE B 177 -0.01 6.22 -14.39
N GLY B 178 0.00 7.46 -13.86
CA GLY B 178 -0.58 7.74 -12.52
C GLY B 178 -1.86 8.58 -12.66
N SER B 179 -2.77 8.58 -11.67
CA SER B 179 -2.58 7.95 -10.34
C SER B 179 -3.81 7.16 -9.89
N SER B 180 -4.80 7.02 -10.79
CA SER B 180 -6.05 6.30 -10.47
C SER B 180 -6.58 5.65 -11.72
N GLU B 181 -7.60 4.80 -11.56
CA GLU B 181 -8.20 4.13 -12.70
C GLU B 181 -8.54 5.07 -13.86
N GLU B 182 -9.05 6.27 -13.57
CA GLU B 182 -9.44 7.20 -14.63
C GLU B 182 -8.26 7.49 -15.57
N GLU B 183 -7.06 7.64 -15.01
CA GLU B 183 -5.87 7.83 -15.85
C GLU B 183 -5.37 6.51 -16.48
N TRP B 184 -5.30 5.45 -15.67
CA TRP B 184 -4.82 4.13 -16.17
C TRP B 184 -5.47 3.66 -17.48
N ILE B 185 -6.77 3.93 -17.64
CA ILE B 185 -7.51 3.49 -18.83
C ILE B 185 -7.56 4.53 -19.94
N ASN B 186 -6.90 5.66 -19.73
CA ASN B 186 -6.99 6.77 -20.70
C ASN B 186 -6.30 6.32 -22.00
N ASP B 187 -7.05 6.32 -23.11
CA ASP B 187 -6.49 5.83 -24.39
C ASP B 187 -5.28 6.62 -24.86
N ARG B 188 -5.35 7.95 -24.74
CA ARG B 188 -4.21 8.75 -25.19
C ARG B 188 -2.96 8.49 -24.33
N ALA B 189 -3.15 8.36 -23.01
CA ALA B 189 -2.02 8.01 -22.12
C ALA B 189 -1.37 6.68 -22.54
N GLY B 190 -2.20 5.69 -22.84
CA GLY B 190 -1.69 4.39 -23.30
C GLY B 190 -0.91 4.55 -24.61
N GLU B 191 -1.42 5.36 -25.51
CA GLU B 191 -0.75 5.60 -26.79
C GLU B 191 0.61 6.27 -26.58
N ILE B 192 0.64 7.28 -25.70
CA ILE B 192 1.89 7.98 -25.41
C ILE B 192 2.94 7.01 -24.86
N ILE B 193 2.58 6.25 -23.84
CA ILE B 193 3.52 5.28 -23.25
C ILE B 193 3.94 4.19 -24.27
N ALA B 194 3.01 3.66 -25.06
CA ALA B 194 3.38 2.70 -26.10
C ALA B 194 4.43 3.28 -27.04
N GLU B 195 4.15 4.48 -27.56
CA GLU B 195 5.04 5.11 -28.53
C GLU B 195 6.40 5.39 -27.88
N THR B 196 6.38 5.80 -26.63
CA THR B 196 7.62 6.05 -25.88
C THR B 196 8.45 4.77 -25.69
N ILE B 197 7.81 3.68 -25.27
CA ILE B 197 8.51 2.39 -25.09
C ILE B 197 9.26 2.01 -26.38
N ILE B 198 8.56 2.05 -27.52
CA ILE B 198 9.20 1.65 -28.79
C ILE B 198 10.38 2.59 -29.14
N TYR B 199 10.17 3.89 -29.00
CA TYR B 199 11.23 4.87 -29.27
C TYR B 199 12.44 4.57 -28.38
N VAL B 200 12.18 4.33 -27.10
CA VAL B 200 13.27 4.15 -26.10
C VAL B 200 14.03 2.88 -26.43
N LEU B 201 13.30 1.80 -26.67
CA LEU B 201 13.96 0.52 -26.95
C LEU B 201 14.78 0.60 -28.24
N ASP B 202 14.26 1.33 -29.23
CA ASP B 202 14.95 1.50 -30.52
C ASP B 202 16.21 2.37 -30.43
N ASN B 203 16.33 3.19 -29.37
CA ASN B 203 17.34 4.26 -29.36
C ASN B 203 18.28 4.39 -28.16
N TYR B 204 17.98 3.71 -27.07
CA TYR B 204 18.75 3.99 -25.84
C TYR B 204 20.23 3.62 -25.96
N GLU B 205 20.53 2.56 -26.72
CA GLU B 205 21.92 2.07 -26.85
C GLU B 205 22.76 3.08 -27.63
N LYS B 206 22.18 3.66 -28.67
CA LYS B 206 22.93 4.53 -29.58
C LYS B 206 22.73 6.02 -29.38
N GLY B 207 21.80 6.39 -28.49
CA GLY B 207 21.45 7.80 -28.30
C GLY B 207 21.95 8.42 -27.02
N ARG B 208 22.82 7.71 -26.30
CA ARG B 208 23.22 8.08 -24.95
C ARG B 208 24.66 8.57 -24.78
N SER B 209 25.35 8.80 -25.89
CA SER B 209 26.77 9.17 -25.80
C SER B 209 27.03 10.49 -25.07
N LYS B 210 26.08 11.42 -25.11
CA LYS B 210 26.21 12.69 -24.39
C LYS B 210 25.58 12.69 -22.99
N PHE B 211 24.98 11.57 -22.57
CA PHE B 211 24.39 11.52 -21.21
C PHE B 211 25.43 11.39 -20.10
N LYS B 212 25.16 12.04 -18.97
CA LYS B 212 26.03 11.97 -17.80
C LYS B 212 25.25 11.23 -16.71
N VAL B 213 25.70 10.01 -16.40
CA VAL B 213 24.97 9.13 -15.47
C VAL B 213 25.12 9.59 -14.01
N ALA B 214 24.01 9.71 -13.31
CA ALA B 214 24.06 10.23 -11.93
C ALA B 214 23.20 9.44 -10.96
N LEU B 215 23.69 9.29 -9.73
CA LEU B 215 22.83 8.98 -8.60
C LEU B 215 22.13 10.28 -8.16
N GLY B 216 20.81 10.25 -7.97
CA GLY B 216 20.08 11.46 -7.52
C GLY B 216 19.68 11.41 -6.06
N ILE B 217 19.80 12.53 -5.37
CA ILE B 217 19.52 12.60 -3.93
C ILE B 217 18.66 13.80 -3.62
N GLY B 218 17.56 13.57 -2.91
CA GLY B 218 16.74 14.66 -2.39
C GLY B 218 15.47 14.97 -3.17
N GLY B 219 14.60 15.71 -2.52
CA GLY B 219 13.29 16.08 -3.07
C GLY B 219 12.28 15.01 -2.71
N GLY B 220 11.03 15.24 -3.10
CA GLY B 220 9.97 14.26 -2.82
C GLY B 220 9.88 13.11 -3.80
N HIS B 221 8.75 12.43 -3.77
CA HIS B 221 8.61 11.19 -4.49
C HIS B 221 8.75 11.38 -5.99
N TYR B 222 8.40 12.56 -6.47
CA TYR B 222 8.36 12.84 -7.91
C TYR B 222 9.61 13.59 -8.39
N ALA B 223 10.63 13.58 -7.55
CA ALA B 223 12.00 13.98 -7.95
C ALA B 223 12.05 15.21 -8.87
N PRO B 224 11.48 16.35 -8.43
CA PRO B 224 11.29 17.48 -9.33
C PRO B 224 12.60 18.06 -9.86
N LYS B 225 13.62 18.19 -9.01
CA LYS B 225 14.88 18.82 -9.50
C LYS B 225 15.64 17.91 -10.45
N GLN B 226 15.66 16.62 -10.12
CA GLN B 226 16.26 15.61 -10.99
C GLN B 226 15.53 15.59 -12.35
N THR B 227 14.19 15.61 -12.31
CA THR B 227 13.39 15.64 -13.52
C THR B 227 13.74 16.87 -14.37
N LYS B 228 13.79 18.04 -13.75
CA LYS B 228 14.14 19.27 -14.48
C LYS B 228 15.51 19.15 -15.16
N ARG B 229 16.50 18.66 -14.44
CA ARG B 229 17.86 18.48 -15.00
C ARG B 229 17.87 17.50 -16.18
N ALA B 230 17.11 16.40 -16.05
CA ALA B 230 17.04 15.37 -17.11
C ALA B 230 16.33 15.89 -18.37
N LEU B 231 15.37 16.79 -18.19
CA LEU B 231 14.66 17.38 -19.32
C LEU B 231 15.46 18.49 -20.01
N GLU B 232 16.33 19.18 -19.27
CA GLU B 232 16.96 20.41 -19.78
C GLU B 232 18.43 20.27 -20.14
N GLY B 233 19.10 19.30 -19.53
CA GLY B 233 20.54 19.11 -19.69
C GLY B 233 20.93 17.68 -20.01
N ASP B 234 22.14 17.31 -19.63
N ASP B 234 22.15 17.30 -19.63
CA ASP B 234 22.72 16.03 -20.01
CA ASP B 234 22.70 16.01 -20.03
C ASP B 234 22.50 14.91 -19.00
C ASP B 234 22.59 14.91 -18.97
N LEU B 235 22.11 15.27 -17.77
CA LEU B 235 22.04 14.27 -16.69
C LEU B 235 21.02 13.16 -16.96
N ALA B 236 21.44 11.93 -16.71
CA ALA B 236 20.58 10.77 -16.81
C ALA B 236 20.64 10.02 -15.48
N PHE B 237 19.56 10.09 -14.71
CA PHE B 237 19.56 9.53 -13.36
C PHE B 237 19.30 8.04 -13.39
N GLY B 238 19.87 7.33 -12.43
CA GLY B 238 19.52 5.94 -12.19
C GLY B 238 18.66 5.91 -10.93
N HIS B 239 19.25 5.41 -9.86
CA HIS B 239 18.57 5.40 -8.55
C HIS B 239 18.44 6.81 -8.03
N ILE B 240 17.33 7.08 -7.35
CA ILE B 240 17.01 8.40 -6.80
C ILE B 240 16.51 8.16 -5.35
N LEU B 241 17.15 8.88 -4.40
CA LEU B 241 16.92 8.73 -2.95
C LEU B 241 16.17 9.96 -2.41
N PRO B 242 14.84 9.83 -2.24
CA PRO B 242 14.05 10.97 -1.83
C PRO B 242 14.19 11.26 -0.33
N LYS B 243 13.84 12.47 0.08
CA LYS B 243 14.02 12.88 1.48
C LYS B 243 13.31 11.94 2.46
N TYR B 244 12.10 11.47 2.10
CA TYR B 244 11.35 10.59 3.02
C TYR B 244 12.04 9.25 3.31
N ALA B 245 12.94 8.82 2.43
CA ALA B 245 13.68 7.56 2.60
C ALA B 245 15.05 7.78 3.25
N GLN B 246 15.39 9.05 3.45
CA GLN B 246 16.63 9.38 4.14
C GLN B 246 16.46 9.40 5.68
N PRO B 247 17.54 9.14 6.45
CA PRO B 247 18.93 8.87 6.03
C PRO B 247 19.14 7.40 5.68
N VAL B 248 20.20 7.13 4.90
CA VAL B 248 20.67 5.77 4.66
C VAL B 248 22.16 5.68 4.99
N SER B 249 22.62 4.48 5.27
CA SER B 249 24.01 4.26 5.63
C SER B 249 24.91 4.42 4.41
N ARG B 250 26.19 4.66 4.66
CA ARG B 250 27.20 4.63 3.64
C ARG B 250 27.13 3.33 2.80
N ASP B 251 27.00 2.18 3.46
CA ASP B 251 26.95 0.91 2.72
C ASP B 251 25.72 0.80 1.81
N VAL B 252 24.58 1.32 2.25
CA VAL B 252 23.38 1.30 1.41
C VAL B 252 23.55 2.19 0.17
N ILE B 254 26.39 3.02 -1.27
CA ILE B 254 27.37 2.30 -2.12
C ILE B 254 26.71 1.14 -2.88
N LYS B 255 25.86 0.38 -2.18
CA LYS B 255 25.13 -0.68 -2.83
C LYS B 255 24.32 -0.18 -4.03
N ALA B 256 23.61 0.94 -3.87
CA ALA B 256 22.82 1.50 -4.97
C ALA B 256 23.75 1.96 -6.11
N LEU B 257 24.85 2.61 -5.76
CA LEU B 257 25.86 3.01 -6.74
C LEU B 257 26.38 1.83 -7.56
N ASN B 258 26.39 0.64 -6.96
CA ASN B 258 26.86 -0.57 -7.64
C ASN B 258 25.74 -1.32 -8.39
N ARG B 259 24.59 -0.70 -8.48
CA ARG B 259 23.46 -1.30 -9.18
C ARG B 259 22.96 -0.39 -10.32
N PHE B 260 23.92 0.08 -11.13
CA PHE B 260 23.65 0.86 -12.35
C PHE B 260 24.14 0.03 -13.54
N GLY B 261 23.34 -0.01 -14.60
CA GLY B 261 23.70 -0.75 -15.80
C GLY B 261 24.58 0.04 -16.74
N GLU B 262 24.74 1.33 -16.41
CA GLU B 262 25.69 2.22 -17.12
C GLU B 262 26.53 2.90 -16.05
N LYS B 263 27.83 3.08 -16.33
CA LYS B 263 28.80 3.59 -15.34
C LYS B 263 28.38 4.93 -14.75
N VAL B 264 28.39 5.03 -13.42
CA VAL B 264 28.02 6.25 -12.71
C VAL B 264 29.14 7.27 -12.88
N GLU B 265 28.76 8.52 -13.12
CA GLU B 265 29.72 9.60 -13.33
C GLU B 265 29.59 10.76 -12.32
N ALA B 266 28.40 10.90 -11.73
CA ALA B 266 28.11 12.01 -10.82
C ALA B 266 27.20 11.58 -9.68
N ILE B 267 27.28 12.29 -8.57
CA ILE B 267 26.25 12.22 -7.53
C ILE B 267 25.64 13.60 -7.48
N TYR B 268 24.35 13.65 -7.70
CA TYR B 268 23.59 14.89 -7.74
C TYR B 268 22.77 15.02 -6.46
N VAL B 269 22.85 16.19 -5.83
CA VAL B 269 22.06 16.48 -4.63
C VAL B 269 21.15 17.73 -4.75
N ASP B 270 19.85 17.51 -4.51
CA ASP B 270 18.87 18.59 -4.26
C ASP B 270 19.11 18.93 -2.77
N TRP B 271 19.90 19.98 -2.53
CA TRP B 271 20.50 20.20 -1.18
C TRP B 271 19.47 20.51 -0.10
N LYS B 272 18.62 21.49 -0.36
CA LYS B 272 17.54 21.87 0.56
C LYS B 272 16.52 20.74 0.64
N GLY B 273 16.48 19.91 -0.40
CA GLY B 273 15.59 18.76 -0.40
C GLY B 273 16.15 17.50 0.25
N SER B 274 17.29 17.62 0.94
CA SER B 274 17.92 16.45 1.57
C SER B 274 18.15 16.66 3.06
N ARG B 275 18.21 15.56 3.82
CA ARG B 275 18.62 15.64 5.24
C ARG B 275 20.11 15.92 5.32
N GLY B 276 20.50 16.63 6.38
CA GLY B 276 21.90 17.02 6.57
C GLY B 276 22.88 15.86 6.55
N GLU B 277 22.57 14.80 7.26
CA GLU B 277 23.52 13.69 7.29
C GLU B 277 23.70 13.06 5.91
N THR B 278 22.61 13.02 5.14
CA THR B 278 22.66 12.37 3.83
C THR B 278 23.34 13.24 2.76
N ARG B 279 23.08 14.54 2.76
CA ARG B 279 23.73 15.41 1.77
C ARG B 279 25.23 15.49 2.03
N GLN B 280 25.64 15.50 3.31
CA GLN B 280 27.07 15.40 3.61
C GLN B 280 27.68 14.06 3.17
N LEU B 281 26.96 12.96 3.40
CA LEU B 281 27.45 11.65 2.99
C LEU B 281 27.64 11.62 1.47
N ALA B 282 26.62 12.08 0.75
CA ALA B 282 26.69 12.13 -0.72
C ALA B 282 27.89 12.92 -1.22
N LYS B 283 28.12 14.11 -0.64
CA LYS B 283 29.24 14.95 -1.04
C LYS B 283 30.56 14.22 -0.78
N SER B 284 30.66 13.59 0.39
CA SER B 284 31.90 12.90 0.76
C SER B 284 32.17 11.70 -0.16
N LEU B 285 31.15 10.90 -0.39
CA LEU B 285 31.30 9.71 -1.21
C LEU B 285 31.69 10.06 -2.63
N ALA B 286 31.14 11.17 -3.15
CA ALA B 286 31.50 11.62 -4.50
C ALA B 286 32.99 11.91 -4.59
N GLN B 287 33.51 12.60 -3.58
CA GLN B 287 34.93 12.90 -3.53
C GLN B 287 35.77 11.63 -3.40
N GLU B 288 35.32 10.73 -2.53
CA GLU B 288 36.01 9.46 -2.29
C GLU B 288 36.10 8.58 -3.53
N LEU B 289 35.02 8.53 -4.30
CA LEU B 289 34.93 7.66 -5.46
C LEU B 289 35.36 8.31 -6.77
N GLY B 290 35.76 9.57 -6.70
CA GLY B 290 36.15 10.30 -7.92
C GLY B 290 35.01 10.61 -8.85
N LEU B 291 33.80 10.75 -8.29
CA LEU B 291 32.62 11.12 -9.06
C LEU B 291 32.40 12.62 -8.98
N GLU B 292 31.82 13.20 -10.03
CA GLU B 292 31.50 14.62 -10.01
C GLU B 292 30.41 14.87 -8.98
N PHE B 293 30.57 15.91 -8.16
CA PHE B 293 29.49 16.31 -7.27
C PHE B 293 28.72 17.51 -7.83
N ILE B 294 27.41 17.35 -7.92
CA ILE B 294 26.52 18.34 -8.49
C ILE B 294 25.46 18.70 -7.44
N LYS B 295 25.34 19.99 -7.16
CA LYS B 295 24.53 20.49 -6.06
C LYS B 295 23.54 21.50 -6.67
N ASP B 296 22.26 21.31 -6.39
CA ASP B 296 21.28 22.37 -6.58
C ASP B 296 20.88 22.88 -5.21
N GLY B 297 21.17 24.15 -4.94
CA GLY B 297 20.78 24.82 -3.68
C GLY B 297 21.89 24.89 -2.65
N PHE C 19 -6.82 24.49 -20.05
CA PHE C 19 -7.35 24.65 -18.66
C PHE C 19 -8.85 24.35 -18.55
N GLN C 20 -9.34 23.43 -19.38
CA GLN C 20 -10.72 22.99 -19.28
C GLN C 20 -10.79 21.88 -18.25
N GLY C 21 -11.79 21.96 -17.38
CA GLY C 21 -11.91 21.03 -16.25
C GLY C 21 -12.36 21.78 -15.00
N HIS C 22 -12.31 21.10 -13.86
CA HIS C 22 -12.68 21.71 -12.60
C HIS C 22 -11.43 22.32 -11.98
N LYS C 24 -8.65 24.47 -9.95
CA LYS C 24 -8.48 24.99 -8.60
C LYS C 24 -7.19 25.76 -8.68
N VAL C 25 -7.18 26.97 -8.15
CA VAL C 25 -5.99 27.82 -8.18
C VAL C 25 -5.41 28.02 -6.79
N ILE C 26 -4.09 27.84 -6.64
CA ILE C 26 -3.39 28.20 -5.43
C ILE C 26 -2.67 29.49 -5.76
N THR C 28 -0.12 32.62 -4.87
CA THR C 28 1.07 32.92 -4.08
C THR C 28 1.56 34.31 -4.48
N THR C 29 2.52 34.85 -3.71
CA THR C 29 3.16 36.10 -4.07
C THR C 29 4.63 36.12 -3.66
N LYS C 30 5.47 36.69 -4.53
CA LYS C 30 6.92 36.75 -4.33
C LYS C 30 7.34 37.47 -3.05
N VAL C 31 6.46 38.35 -2.56
CA VAL C 31 6.80 39.26 -1.46
C VAL C 31 6.54 38.67 -0.08
N ASP C 32 6.00 37.44 -0.06
CA ASP C 32 5.56 36.79 1.16
C ASP C 32 6.38 35.52 1.39
N LYS C 33 7.20 35.53 2.45
CA LYS C 33 8.11 34.41 2.75
C LYS C 33 7.38 33.11 3.07
N ALA C 34 6.21 33.21 3.69
CA ALA C 34 5.38 32.04 3.98
C ALA C 34 4.82 31.45 2.68
N SER C 35 4.32 32.32 1.82
CA SER C 35 3.80 31.94 0.51
C SER C 35 4.87 31.19 -0.30
N ASN C 37 7.64 29.69 0.88
CA ASN C 37 7.90 28.43 1.60
C ASN C 37 6.86 27.35 1.19
N ILE C 38 5.58 27.71 1.26
CA ILE C 38 4.49 26.80 0.90
C ILE C 38 4.63 26.36 -0.57
N ASN C 40 7.37 26.32 -2.43
CA ASN C 40 8.51 25.40 -2.49
C ASN C 40 8.13 23.96 -2.11
N LYS C 41 7.37 23.78 -1.02
CA LYS C 41 6.98 22.42 -0.57
C LYS C 41 6.02 21.75 -1.56
N LEU C 42 5.12 22.54 -2.14
CA LEU C 42 4.21 22.01 -3.16
C LEU C 42 5.00 21.45 -4.32
N ILE C 43 5.97 22.22 -4.81
CA ILE C 43 6.76 21.82 -5.97
C ILE C 43 7.70 20.66 -5.60
N GLU C 44 8.23 20.69 -4.38
CA GLU C 44 9.16 19.63 -3.93
C GLU C 44 8.49 18.27 -3.81
N ASN C 45 7.21 18.26 -3.41
CA ASN C 45 6.62 17.01 -2.95
C ASN C 45 5.38 16.46 -3.68
N PHE C 46 4.75 17.26 -4.56
CA PHE C 46 3.39 16.90 -5.03
C PHE C 46 3.22 16.67 -6.52
N GLY C 47 4.31 16.73 -7.27
CA GLY C 47 4.26 16.41 -8.69
C GLY C 47 3.75 17.52 -9.60
N PHE C 48 4.01 18.76 -9.23
CA PHE C 48 3.77 19.89 -10.13
C PHE C 48 4.79 19.91 -11.27
N LYS C 49 4.30 20.29 -12.45
CA LYS C 49 5.10 20.56 -13.63
C LYS C 49 5.15 22.06 -13.91
N GLU C 50 6.20 22.45 -14.62
CA GLU C 50 6.26 23.76 -15.20
C GLU C 50 5.42 23.77 -16.48
N THR C 51 4.74 24.88 -16.75
CA THR C 51 3.94 25.00 -17.98
C THR C 51 4.51 26.10 -18.86
N GLU C 52 3.96 26.25 -20.07
N GLU C 52 3.95 26.22 -20.07
CA GLU C 52 4.34 27.35 -20.97
CA GLU C 52 4.30 27.29 -21.01
C GLU C 52 3.65 28.65 -20.59
C GLU C 52 3.44 28.54 -20.79
N TYR C 53 2.66 28.54 -19.71
CA TYR C 53 1.75 29.65 -19.41
C TYR C 53 2.34 30.64 -18.43
N VAL C 54 1.94 31.90 -18.54
CA VAL C 54 2.39 32.93 -17.62
C VAL C 54 1.20 33.64 -17.01
N PHE C 55 1.35 34.02 -15.74
CA PHE C 55 0.36 34.82 -15.05
C PHE C 55 1.11 35.86 -14.25
N GLU C 56 0.71 37.13 -14.42
CA GLU C 56 1.41 38.27 -13.83
C GLU C 56 2.91 38.23 -14.16
N GLY C 57 3.20 37.77 -15.38
CA GLY C 57 4.58 37.63 -15.87
C GLY C 57 5.40 36.53 -15.24
N ASN C 58 4.78 35.74 -14.37
CA ASN C 58 5.47 34.64 -13.70
C ASN C 58 5.03 33.27 -14.22
N PRO C 59 5.91 32.25 -14.09
CA PRO C 59 5.54 30.90 -14.49
C PRO C 59 4.27 30.38 -13.80
N VAL C 60 3.52 29.57 -14.52
CA VAL C 60 2.37 28.86 -13.94
C VAL C 60 2.80 27.41 -13.74
N TYR C 61 2.55 26.86 -12.55
CA TYR C 61 2.81 25.43 -12.30
C TYR C 61 1.47 24.68 -12.26
N LYS C 62 1.50 23.39 -12.60
CA LYS C 62 0.27 22.63 -12.76
C LYS C 62 0.42 21.21 -12.20
N ARG C 63 -0.62 20.74 -11.52
CA ARG C 63 -0.69 19.35 -11.10
C ARG C 63 -2.12 18.92 -11.33
N GLY C 64 -2.36 18.34 -12.49
CA GLY C 64 -3.74 17.95 -12.86
C GLY C 64 -4.57 19.22 -12.92
N ASP C 65 -5.67 19.27 -12.19
N ASP C 65 -5.64 19.25 -12.14
CA ASP C 65 -6.52 20.47 -12.25
CA ASP C 65 -6.57 20.38 -12.14
C ASP C 65 -6.16 21.59 -11.25
C ASP C 65 -6.26 21.44 -11.08
N VAL C 66 -5.03 21.42 -10.55
CA VAL C 66 -4.60 22.41 -9.56
C VAL C 66 -3.45 23.21 -10.19
N LEU C 67 -3.57 24.54 -10.16
CA LEU C 67 -2.49 25.41 -10.65
C LEU C 67 -1.89 26.19 -9.49
N ILE C 68 -0.61 26.55 -9.62
CA ILE C 68 -0.01 27.56 -8.76
C ILE C 68 0.28 28.79 -9.61
N LEU C 69 -0.30 29.91 -9.19
CA LEU C 69 -0.08 31.20 -9.83
C LEU C 69 0.65 32.10 -8.83
N THR C 70 1.49 33.01 -9.34
CA THR C 70 2.26 33.86 -8.46
C THR C 70 2.14 35.32 -8.91
N THR C 71 1.82 36.21 -7.97
CA THR C 71 1.78 37.66 -8.23
C THR C 71 3.06 38.33 -7.73
N ASN C 72 3.23 39.61 -8.07
CA ASN C 72 4.46 40.34 -7.77
C ASN C 72 4.39 41.25 -6.54
N ASP C 73 3.16 41.46 -6.08
CA ASP C 73 2.88 42.38 -4.99
C ASP C 73 1.99 41.68 -3.97
N GLU C 74 1.60 42.37 -2.90
CA GLU C 74 0.73 41.76 -1.89
C GLU C 74 -0.59 41.33 -2.56
N ILE C 76 -3.45 40.84 -1.06
CA ILE C 76 -4.63 41.36 -0.36
C ILE C 76 -5.29 42.53 -1.08
N TYR C 77 -4.56 43.16 -2.00
CA TYR C 77 -5.10 44.30 -2.75
C TYR C 77 -5.70 43.89 -4.08
N TYR C 78 -5.55 42.61 -4.43
CA TYR C 78 -5.93 42.15 -5.77
C TYR C 78 -7.44 41.87 -5.91
N ASP C 79 -8.27 42.91 -5.73
CA ASP C 79 -9.68 42.80 -6.11
C ASP C 79 -9.74 42.43 -7.58
N TYR C 80 -10.78 41.68 -7.94
CA TYR C 80 -11.00 41.27 -9.32
C TYR C 80 -9.99 40.26 -9.84
N LEU C 81 -9.26 39.62 -8.92
CA LEU C 81 -8.26 38.61 -9.27
C LEU C 81 -8.85 37.51 -10.15
N ASP C 82 -10.09 37.08 -9.85
CA ASP C 82 -10.74 36.06 -10.67
C ASP C 82 -10.97 36.51 -12.12
N ARG C 83 -11.29 37.79 -12.33
CA ARG C 83 -11.43 38.31 -13.69
C ARG C 83 -10.10 38.24 -14.44
N GLU C 84 -9.00 38.52 -13.72
CA GLU C 84 -7.70 38.49 -14.36
C GLU C 84 -7.22 37.06 -14.65
N ILE C 85 -7.58 36.10 -13.78
CA ILE C 85 -7.27 34.70 -14.11
C ILE C 85 -7.98 34.31 -15.40
N GLU C 86 -9.23 34.76 -15.50
CA GLU C 86 -10.05 34.51 -16.67
C GLU C 86 -9.46 35.18 -17.90
N ASN C 87 -9.04 36.43 -17.78
CA ASN C 87 -8.46 37.14 -18.93
C ASN C 87 -7.11 36.60 -19.39
N GLN C 88 -6.22 36.35 -18.44
CA GLN C 88 -4.85 35.93 -18.72
C GLN C 88 -4.72 34.46 -19.07
N LEU C 89 -5.57 33.61 -18.49
CA LEU C 89 -5.41 32.15 -18.66
C LEU C 89 -6.60 31.49 -19.36
N GLY C 90 -7.71 32.20 -19.46
CA GLY C 90 -8.85 31.73 -20.24
C GLY C 90 -9.77 30.73 -19.57
N PHE C 91 -9.81 30.71 -18.24
CA PHE C 91 -10.74 29.83 -17.53
C PHE C 91 -11.23 30.50 -16.26
N LYS C 92 -12.38 30.08 -15.77
CA LYS C 92 -12.88 30.58 -14.48
C LYS C 92 -12.57 29.53 -13.41
N PRO C 93 -11.77 29.89 -12.39
CA PRO C 93 -11.41 28.92 -11.35
C PRO C 93 -12.63 28.56 -10.52
N GLU C 94 -12.69 27.31 -10.06
CA GLU C 94 -13.79 26.85 -9.22
C GLU C 94 -13.58 27.32 -7.78
N ILE C 95 -12.33 27.52 -7.40
CA ILE C 95 -11.95 27.91 -6.04
C ILE C 95 -10.55 28.52 -6.10
N ILE C 96 -10.27 29.46 -5.21
CA ILE C 96 -8.93 30.02 -5.05
C ILE C 96 -8.45 29.81 -3.60
N ALA C 97 -7.27 29.22 -3.41
CA ALA C 97 -6.66 29.07 -2.07
C ALA C 97 -5.48 30.03 -2.02
N PHE C 98 -5.53 31.02 -1.15
CA PHE C 98 -4.41 31.97 -1.04
C PHE C 98 -3.43 31.45 0.01
N ALA C 99 -2.18 31.16 -0.39
CA ALA C 99 -1.14 30.69 0.53
C ALA C 99 -0.36 31.92 1.02
N SER C 100 -0.49 32.19 2.32
CA SER C 100 -0.12 33.50 2.85
C SER C 100 0.52 33.44 4.23
N ARG C 101 1.28 34.48 4.58
CA ARG C 101 1.66 34.72 5.97
C ARG C 101 0.51 35.37 6.75
N HIS C 102 0.56 35.19 8.07
CA HIS C 102 -0.21 36.00 9.00
C HIS C 102 0.83 36.73 9.83
N SER C 103 0.64 38.04 10.00
CA SER C 103 1.61 38.84 10.73
C SER C 103 0.91 39.50 11.90
N SER C 104 1.51 39.38 13.07
CA SER C 104 0.99 39.99 14.28
C SER C 104 2.16 40.38 15.17
N LYS C 105 1.97 41.48 15.91
CA LYS C 105 2.93 41.94 16.91
C LYS C 105 3.00 41.00 18.11
N GLN C 106 1.86 40.38 18.44
CA GLN C 106 1.81 39.39 19.52
C GLN C 106 2.17 38.05 18.94
N LYS C 107 3.26 37.49 19.44
CA LYS C 107 3.74 36.19 19.01
C LYS C 107 2.71 35.11 19.27
N LEU C 108 2.29 34.44 18.20
CA LEU C 108 1.50 33.24 18.31
C LEU C 108 1.79 32.35 17.11
N PRO C 109 2.68 31.35 17.29
CA PRO C 109 2.89 30.40 16.19
C PRO C 109 1.57 29.72 15.89
N ALA C 110 1.15 29.77 14.63
CA ALA C 110 -0.20 29.35 14.30
C ALA C 110 -0.30 28.90 12.84
N LEU C 111 -1.26 28.01 12.61
CA LEU C 111 -1.63 27.55 11.28
C LEU C 111 -3.13 27.85 11.19
N THR C 112 -3.51 28.69 10.24
CA THR C 112 -4.84 29.27 10.29
C THR C 112 -5.54 29.26 8.94
N THR C 113 -6.85 29.50 8.97
CA THR C 113 -7.59 29.71 7.72
C THR C 113 -8.71 30.73 7.94
N HIS C 114 -8.99 31.52 6.92
CA HIS C 114 -10.07 32.51 7.03
C HIS C 114 -10.51 33.00 5.68
N VAL C 115 -11.67 33.66 5.66
CA VAL C 115 -12.12 34.34 4.45
C VAL C 115 -11.85 35.84 4.58
N THR C 116 -11.73 36.51 3.44
CA THR C 116 -11.46 37.93 3.39
C THR C 116 -12.75 38.76 3.30
N GLY C 117 -12.68 39.97 3.81
CA GLY C 117 -13.83 40.86 3.88
C GLY C 117 -13.56 41.96 4.88
N ASN C 118 -14.33 43.04 4.78
CA ASN C 118 -14.20 44.21 5.64
C ASN C 118 -15.54 44.49 6.26
N TRP C 119 -15.65 44.25 7.57
CA TRP C 119 -16.89 44.57 8.31
C TRP C 119 -17.20 46.08 8.33
N GLY C 120 -16.14 46.88 8.30
CA GLY C 120 -16.25 48.34 8.24
C GLY C 120 -15.32 48.88 7.17
N LYS C 121 -14.48 49.85 7.54
CA LYS C 121 -13.53 50.46 6.60
C LYS C 121 -12.44 49.49 6.18
N ALA C 122 -12.11 49.54 4.90
CA ALA C 122 -11.06 48.70 4.32
C ALA C 122 -9.70 49.36 4.54
N TYR C 124 -6.68 47.20 4.55
CA TYR C 124 -5.72 46.27 3.97
C TYR C 124 -6.29 45.54 2.75
N GLY C 125 -6.84 46.33 1.82
CA GLY C 125 -7.32 45.80 0.55
C GLY C 125 -8.82 45.60 0.52
N GLY C 126 -9.38 45.51 -0.68
CA GLY C 126 -10.83 45.37 -0.81
C GLY C 126 -11.62 46.66 -0.59
N LYS C 127 -12.93 46.51 -0.52
CA LYS C 127 -13.86 47.62 -0.39
C LYS C 127 -14.47 47.62 1.02
N ASP C 128 -14.87 48.81 1.47
CA ASP C 128 -15.57 48.96 2.74
C ASP C 128 -16.83 48.09 2.76
N GLU C 129 -17.11 47.46 3.91
CA GLU C 129 -18.40 46.76 4.14
C GLU C 129 -18.71 45.77 3.01
N SER C 130 -17.69 45.01 2.62
CA SER C 130 -17.76 44.12 1.46
C SER C 130 -17.04 42.83 1.81
N PHE C 131 -17.40 41.75 1.13
CA PHE C 131 -16.96 40.41 1.52
C PHE C 131 -16.62 39.55 0.33
N ALA C 132 -15.55 38.78 0.45
CA ALA C 132 -15.27 37.74 -0.55
C ALA C 132 -16.30 36.63 -0.36
N VAL C 133 -16.47 35.80 -1.38
CA VAL C 133 -17.33 34.63 -1.27
C VAL C 133 -16.65 33.50 -0.49
N ALA C 134 -17.26 33.13 0.64
CA ALA C 134 -16.65 32.13 1.53
C ALA C 134 -16.84 30.71 1.02
N ILE C 135 -15.94 29.83 1.44
CA ILE C 135 -16.06 28.43 1.10
C ILE C 135 -15.95 27.58 2.37
N PRO C 136 -17.06 27.45 3.12
CA PRO C 136 -17.03 26.80 4.41
C PRO C 136 -16.44 25.37 4.42
N SER C 137 -16.85 24.52 3.49
CA SER C 137 -16.35 23.13 3.45
C SER C 137 -14.81 23.06 3.39
N ALA C 138 -14.20 23.86 2.51
CA ALA C 138 -12.74 23.88 2.34
C ALA C 138 -12.02 24.34 3.61
N LYS C 140 -13.21 24.17 6.77
CA LYS C 140 -13.41 23.20 7.83
C LYS C 140 -12.48 22.00 7.61
N LEU C 141 -12.39 21.53 6.37
CA LEU C 141 -11.42 20.47 6.04
C LEU C 141 -9.99 20.93 6.30
N SER C 142 -9.67 22.19 6.00
CA SER C 142 -8.37 22.75 6.36
C SER C 142 -8.09 22.65 7.85
N LEU C 143 -9.04 23.11 8.67
CA LEU C 143 -8.85 23.05 10.12
C LEU C 143 -8.62 21.61 10.60
N LEU C 144 -9.39 20.68 10.06
CA LEU C 144 -9.29 19.29 10.48
C LEU C 144 -7.93 18.69 10.10
N LYS C 145 -7.50 18.98 8.87
CA LYS C 145 -6.24 18.40 8.37
C LYS C 145 -5.05 19.04 9.06
N SER C 147 -4.86 20.28 12.01
CA SER C 147 -4.85 19.72 13.36
C SER C 147 -4.25 18.31 13.33
N GLU C 148 -4.66 17.51 12.35
CA GLU C 148 -4.18 16.13 12.22
C GLU C 148 -2.66 16.11 12.02
N LEU C 149 -2.15 17.09 11.27
CA LEU C 149 -0.73 17.13 10.89
C LEU C 149 0.18 17.96 11.82
N ASN C 150 -0.42 18.59 12.82
CA ASN C 150 0.28 19.52 13.70
C ASN C 150 1.18 18.85 14.73
N ASP C 151 2.41 18.53 14.33
CA ASP C 151 3.41 18.03 15.27
C ASP C 151 4.31 19.16 15.78
N LEU C 152 3.95 20.39 15.41
CA LEU C 152 4.70 21.57 15.82
C LEU C 152 4.26 22.11 17.18
N GLY C 153 3.05 21.74 17.61
CA GLY C 153 2.50 22.25 18.87
C GLY C 153 2.03 23.70 18.77
N TRP C 154 1.70 24.12 17.56
CA TRP C 154 1.24 25.48 17.28
C TRP C 154 -0.29 25.58 17.45
N THR C 155 -0.82 26.80 17.47
CA THR C 155 -2.26 26.99 17.47
C THR C 155 -2.81 26.66 16.08
N VAL C 156 -3.97 26.01 16.02
CA VAL C 156 -4.65 25.80 14.73
C VAL C 156 -6.04 26.38 14.89
N CYS C 157 -6.41 27.31 14.03
CA CYS C 157 -7.68 28.01 14.24
C CYS C 157 -8.13 28.76 13.02
N TYR C 158 -9.42 29.07 12.99
CA TYR C 158 -9.93 30.09 12.08
C TYR C 158 -9.31 31.43 12.47
N GLU C 159 -9.30 32.37 11.54
CA GLU C 159 -9.27 33.78 11.92
C GLU C 159 -10.58 34.45 11.55
N ALA C 160 -10.86 35.60 12.17
CA ALA C 160 -11.98 36.45 11.74
C ALA C 160 -11.93 36.79 10.24
N THR C 161 -13.09 37.07 9.64
CA THR C 161 -13.09 37.72 8.33
C THR C 161 -12.33 39.04 8.43
N HIS C 162 -11.27 39.19 7.64
CA HIS C 162 -10.52 40.45 7.61
C HIS C 162 -9.65 40.57 6.36
N HIS C 163 -9.28 41.80 6.08
CA HIS C 163 -8.47 42.21 4.92
C HIS C 163 -9.05 41.86 3.55
N GLY C 164 -8.38 42.31 2.49
CA GLY C 164 -8.82 42.05 1.14
C GLY C 164 -8.21 40.77 0.60
N PRO C 165 -8.55 40.43 -0.67
CA PRO C 165 -9.48 41.16 -1.52
C PRO C 165 -10.94 40.87 -1.19
N THR C 166 -11.84 41.75 -1.60
CA THR C 166 -13.26 41.48 -1.38
C THR C 166 -14.01 41.23 -2.68
N GLU C 167 -13.50 41.80 -3.77
CA GLU C 167 -14.20 41.76 -5.05
C GLU C 167 -13.83 40.50 -5.83
N LEU C 168 -14.36 39.38 -5.36
CA LEU C 168 -14.07 38.06 -5.95
C LEU C 168 -15.40 37.37 -6.02
N GLU C 169 -15.71 36.82 -7.18
CA GLU C 169 -16.96 36.06 -7.27
C GLU C 169 -16.73 34.55 -7.06
N VAL C 170 -15.53 34.08 -7.37
CA VAL C 170 -15.24 32.66 -7.15
C VAL C 170 -14.97 32.43 -5.66
N PRO C 171 -15.46 31.32 -5.09
CA PRO C 171 -15.19 31.05 -3.67
C PRO C 171 -13.69 30.98 -3.39
N SER C 172 -13.26 31.48 -2.24
CA SER C 172 -11.84 31.50 -1.93
C SER C 172 -11.60 31.49 -0.43
N PHE C 173 -10.37 31.14 -0.06
CA PHE C 173 -9.99 31.16 1.34
C PHE C 173 -8.51 31.43 1.44
N PHE C 174 -8.12 32.05 2.55
CA PHE C 174 -6.73 32.18 2.95
C PHE C 174 -6.35 31.05 3.87
N ILE C 175 -5.13 30.54 3.68
CA ILE C 175 -4.54 29.58 4.58
C ILE C 175 -3.13 30.09 4.90
N GLU C 176 -2.82 30.16 6.19
CA GLU C 176 -1.70 31.00 6.65
C GLU C 176 -0.81 30.35 7.71
N ILE C 177 0.43 30.81 7.73
CA ILE C 177 1.35 30.55 8.84
C ILE C 177 1.53 31.86 9.59
N GLY C 178 1.30 31.83 10.91
CA GLY C 178 1.50 32.98 11.81
C GLY C 178 2.61 32.70 12.81
N SER C 179 3.21 33.73 13.41
CA SER C 179 2.80 35.12 13.29
C SER C 179 3.95 36.05 12.89
N SER C 180 5.11 35.46 12.61
CA SER C 180 6.32 36.22 12.29
C SER C 180 7.25 35.41 11.38
N GLU C 181 8.31 36.07 10.91
CA GLU C 181 9.25 35.44 9.97
C GLU C 181 9.76 34.09 10.46
N GLU C 182 10.04 33.98 11.76
CA GLU C 182 10.48 32.72 12.41
C GLU C 182 9.60 31.56 11.97
N GLU C 183 8.29 31.77 12.01
CA GLU C 183 7.33 30.73 11.64
C GLU C 183 7.14 30.64 10.13
N TRP C 184 7.10 31.79 9.46
CA TRP C 184 6.89 31.82 7.99
C TRP C 184 7.88 30.96 7.20
N ILE C 185 9.13 30.88 7.68
CA ILE C 185 10.18 30.13 6.99
C ILE C 185 10.37 28.71 7.54
N ASN C 186 9.53 28.32 8.51
CA ASN C 186 9.59 26.99 9.10
C ASN C 186 9.22 25.93 8.06
N ASP C 187 10.18 25.04 7.77
CA ASP C 187 9.99 24.05 6.70
C ASP C 187 8.82 23.11 6.99
N ARG C 188 8.70 22.66 8.24
CA ARG C 188 7.60 21.79 8.62
C ARG C 188 6.24 22.49 8.45
N ALA C 189 6.15 23.75 8.88
CA ALA C 189 4.93 24.56 8.69
C ALA C 189 4.57 24.64 7.20
N GLY C 190 5.56 24.90 6.35
CA GLY C 190 5.35 24.92 4.90
C GLY C 190 4.79 23.61 4.39
N GLU C 191 5.31 22.49 4.88
CA GLU C 191 4.83 21.18 4.44
C GLU C 191 3.40 20.89 4.89
N ILE C 192 3.10 21.23 6.15
CA ILE C 192 1.76 21.06 6.71
C ILE C 192 0.74 21.82 5.86
N ILE C 193 1.04 23.07 5.55
CA ILE C 193 0.14 23.85 4.73
C ILE C 193 0.04 23.30 3.30
N ALA C 194 1.17 22.94 2.69
CA ALA C 194 1.12 22.36 1.34
C ALA C 194 0.25 21.10 1.32
N GLU C 195 0.45 20.20 2.30
CA GLU C 195 -0.31 18.95 2.37
C GLU C 195 -1.79 19.26 2.55
N THR C 196 -2.08 20.25 3.39
CA THR C 196 -3.46 20.62 3.69
C THR C 196 -4.12 21.16 2.41
N ILE C 197 -3.44 22.05 1.70
CA ILE C 197 -4.02 22.64 0.48
C ILE C 197 -4.37 21.53 -0.51
N ILE C 198 -3.42 20.64 -0.74
CA ILE C 198 -3.62 19.56 -1.73
C ILE C 198 -4.79 18.68 -1.29
N TYR C 199 -4.77 18.23 -0.04
CA TYR C 199 -5.87 17.41 0.49
C TYR C 199 -7.24 18.10 0.35
N VAL C 200 -7.30 19.38 0.74
CA VAL C 200 -8.57 20.14 0.65
C VAL C 200 -9.04 20.29 -0.80
N LEU C 201 -8.15 20.67 -1.69
CA LEU C 201 -8.58 20.90 -3.07
C LEU C 201 -9.07 19.62 -3.73
N ASP C 202 -8.46 18.50 -3.35
CA ASP C 202 -8.84 17.20 -3.90
C ASP C 202 -10.10 16.60 -3.27
N ASN C 203 -10.54 17.11 -2.12
CA ASN C 203 -11.59 16.44 -1.33
C ASN C 203 -12.76 17.28 -0.85
N TYR C 204 -12.69 18.60 -1.00
CA TYR C 204 -13.68 19.48 -0.34
C TYR C 204 -15.10 19.34 -0.87
N GLU C 205 -15.26 18.90 -2.12
CA GLU C 205 -16.60 18.76 -2.71
C GLU C 205 -17.28 17.45 -2.29
N LYS C 206 -16.50 16.55 -1.69
CA LYS C 206 -17.04 15.27 -1.22
C LYS C 206 -17.17 15.26 0.31
N GLY C 207 -18.14 14.49 0.82
CA GLY C 207 -18.27 14.27 2.26
C GLY C 207 -19.21 15.20 3.01
N ARG C 208 -19.75 16.19 2.29
CA ARG C 208 -20.81 17.05 2.81
C ARG C 208 -22.14 16.47 2.33
N SER C 209 -23.13 16.34 3.21
CA SER C 209 -23.06 16.79 4.60
C SER C 209 -22.18 15.88 5.45
N PHE C 211 -21.87 18.92 6.57
CA PHE C 211 -21.53 20.10 7.35
C PHE C 211 -22.73 21.03 7.53
N LYS C 212 -22.72 21.81 8.61
CA LYS C 212 -23.75 22.80 8.83
C LYS C 212 -23.11 24.17 8.69
N VAL C 213 -23.51 24.89 7.64
CA VAL C 213 -22.87 26.15 7.30
C VAL C 213 -23.39 27.29 8.19
N ALA C 214 -22.46 28.00 8.81
CA ALA C 214 -22.82 29.07 9.76
C ALA C 214 -22.04 30.37 9.55
N LEU C 215 -22.74 31.48 9.80
CA LEU C 215 -22.10 32.77 10.01
C LEU C 215 -21.69 32.75 11.49
N GLY C 216 -20.46 33.16 11.78
CA GLY C 216 -19.98 33.12 13.16
C GLY C 216 -19.84 34.54 13.70
N ILE C 217 -20.20 34.71 14.96
CA ILE C 217 -20.22 36.03 15.57
C ILE C 217 -19.60 35.96 16.96
N GLY C 218 -18.60 36.80 17.22
CA GLY C 218 -18.05 36.92 18.56
C GLY C 218 -16.65 36.35 18.70
N GLY C 219 -15.94 36.79 19.73
CA GLY C 219 -14.60 36.29 19.98
C GLY C 219 -13.53 37.20 19.44
N GLY C 220 -12.29 36.87 19.75
CA GLY C 220 -11.15 37.65 19.29
C GLY C 220 -10.74 37.30 17.87
N HIS C 221 -9.59 37.81 17.48
CA HIS C 221 -9.13 37.63 16.11
C HIS C 221 -9.02 36.18 15.67
N TYR C 222 -8.68 35.29 16.61
CA TYR C 222 -8.47 33.89 16.30
C TYR C 222 -9.69 32.99 16.57
N ALA C 223 -10.88 33.59 16.66
CA ALA C 223 -12.16 32.86 16.66
C ALA C 223 -12.10 31.55 17.49
N PRO C 224 -11.74 31.64 18.78
CA PRO C 224 -11.51 30.39 19.54
C PRO C 224 -12.75 29.46 19.64
N LYS C 225 -13.91 30.03 19.92
CA LYS C 225 -15.12 29.21 20.11
C LYS C 225 -15.64 28.63 18.81
N GLN C 226 -15.61 29.42 17.73
CA GLN C 226 -15.92 28.92 16.40
C GLN C 226 -14.98 27.77 16.03
N THR C 227 -13.68 27.96 16.31
CA THR C 227 -12.68 26.94 16.01
C THR C 227 -13.01 25.65 16.75
N LYS C 228 -13.26 25.77 18.06
CA LYS C 228 -13.56 24.62 18.90
C LYS C 228 -14.79 23.84 18.37
N ARG C 229 -15.86 24.57 18.05
CA ARG C 229 -17.06 23.95 17.44
C ARG C 229 -16.82 23.26 16.09
N ALA C 230 -16.00 23.86 15.23
CA ALA C 230 -15.74 23.34 13.90
C ALA C 230 -14.87 22.07 13.95
N LEU C 231 -14.16 21.90 15.05
CA LEU C 231 -13.33 20.73 15.23
C LEU C 231 -14.11 19.65 15.94
N GLU C 232 -15.02 20.06 16.84
CA GLU C 232 -15.85 19.19 17.67
C GLU C 232 -17.02 18.53 16.93
N GLY C 233 -17.65 19.25 16.02
CA GLY C 233 -18.88 18.75 15.39
C GLY C 233 -19.01 19.06 13.91
N ASP C 234 -20.24 19.36 13.48
CA ASP C 234 -20.54 19.57 12.05
C ASP C 234 -20.47 21.02 11.55
N LEU C 235 -20.30 21.98 12.45
CA LEU C 235 -20.31 23.39 12.03
C LEU C 235 -19.17 23.70 11.06
N ALA C 236 -19.51 24.38 9.96
CA ALA C 236 -18.50 24.90 9.05
C ALA C 236 -18.76 26.38 8.87
N PHE C 237 -17.84 27.19 9.39
CA PHE C 237 -18.03 28.63 9.36
C PHE C 237 -17.67 29.20 8.00
N GLY C 238 -18.34 30.29 7.64
CA GLY C 238 -17.87 31.11 6.52
C GLY C 238 -17.31 32.38 7.11
N HIS C 239 -18.02 33.46 6.89
CA HIS C 239 -17.67 34.74 7.55
C HIS C 239 -17.76 34.66 9.06
N ILE C 240 -16.84 35.36 9.72
CA ILE C 240 -16.78 35.44 11.19
C ILE C 240 -16.57 36.90 11.62
N LEU C 241 -17.47 37.39 12.47
CA LEU C 241 -17.49 38.79 12.93
C LEU C 241 -16.97 38.89 14.37
N PRO C 242 -15.69 39.28 14.54
CA PRO C 242 -15.09 39.24 15.87
C PRO C 242 -15.55 40.45 16.71
N LYS C 243 -15.37 40.37 18.02
CA LYS C 243 -15.83 41.44 18.90
C LYS C 243 -15.29 42.84 18.56
N TYR C 244 -14.02 42.93 18.16
CA TYR C 244 -13.39 44.25 17.89
C TYR C 244 -14.01 44.93 16.63
N ALA C 245 -14.63 44.13 15.76
CA ALA C 245 -15.29 44.66 14.56
C ALA C 245 -16.78 45.00 14.75
N GLN C 246 -17.32 44.60 15.89
CA GLN C 246 -18.71 44.90 16.25
C GLN C 246 -18.79 46.30 16.87
N PRO C 247 -19.96 46.97 16.76
CA PRO C 247 -21.18 46.51 16.08
C PRO C 247 -21.16 46.74 14.57
N VAL C 248 -22.00 45.97 13.86
CA VAL C 248 -22.30 46.23 12.44
C VAL C 248 -23.80 46.28 12.23
N SER C 249 -24.24 46.94 11.17
CA SER C 249 -25.66 47.09 10.93
C SER C 249 -26.28 45.79 10.42
N ARG C 250 -27.61 45.71 10.50
N ARG C 250 -27.61 45.71 10.51
CA ARG C 250 -28.37 44.60 9.91
CA ARG C 250 -28.39 44.62 9.92
C ARG C 250 -28.04 44.45 8.43
C ARG C 250 -28.04 44.46 8.43
N ASP C 251 -27.93 45.58 7.72
CA ASP C 251 -27.61 45.54 6.27
C ASP C 251 -26.23 44.94 5.98
N VAL C 252 -25.26 45.27 6.84
CA VAL C 252 -23.90 44.73 6.66
C VAL C 252 -23.92 43.22 6.95
N ILE C 254 -26.47 41.17 6.63
CA ILE C 254 -27.15 40.60 5.47
C ILE C 254 -26.22 40.47 4.25
N LYS C 255 -25.40 41.51 4.01
CA LYS C 255 -24.42 41.48 2.92
C LYS C 255 -23.47 40.29 3.09
N ALA C 256 -22.96 40.07 4.30
CA ALA C 256 -22.05 38.97 4.56
C ALA C 256 -22.74 37.63 4.35
N LEU C 257 -23.99 37.54 4.82
CA LEU C 257 -24.81 36.35 4.63
C LEU C 257 -25.04 35.99 3.16
N ASN C 258 -25.04 37.00 2.32
CA ASN C 258 -25.22 36.83 0.88
C ASN C 258 -23.92 36.55 0.13
N ARG C 259 -22.86 36.32 0.90
CA ARG C 259 -21.53 36.07 0.33
C ARG C 259 -20.92 34.76 0.80
N PHE C 260 -21.75 33.73 0.82
CA PHE C 260 -21.32 32.35 1.11
C PHE C 260 -21.44 31.55 -0.18
N GLY C 261 -20.41 30.75 -0.46
CA GLY C 261 -20.41 29.85 -1.61
C GLY C 261 -21.21 28.57 -1.40
N GLU C 262 -21.61 28.32 -0.15
CA GLU C 262 -22.48 27.20 0.21
C GLU C 262 -23.62 27.77 1.04
N LYS C 263 -24.85 27.26 0.85
CA LYS C 263 -26.02 27.85 1.52
C LYS C 263 -25.88 27.92 3.05
N VAL C 264 -26.11 29.10 3.61
CA VAL C 264 -26.07 29.29 5.07
C VAL C 264 -27.28 28.64 5.73
N GLU C 265 -27.02 27.95 6.84
CA GLU C 265 -28.05 27.24 7.59
C GLU C 265 -28.22 27.78 9.01
N ALA C 266 -27.20 28.46 9.53
CA ALA C 266 -27.21 28.89 10.93
C ALA C 266 -26.48 30.20 11.17
N ILE C 267 -26.93 30.93 12.19
CA ILE C 267 -26.14 32.01 12.76
C ILE C 267 -25.71 31.57 14.14
N TYR C 268 -24.39 31.50 14.32
CA TYR C 268 -23.77 31.06 15.56
C TYR C 268 -23.21 32.28 16.30
N VAL C 269 -23.46 32.34 17.61
CA VAL C 269 -22.94 33.43 18.43
C VAL C 269 -22.19 32.93 19.66
N ASP C 270 -20.93 33.35 19.74
CA ASP C 270 -20.15 33.30 20.97
C ASP C 270 -20.68 34.46 21.83
N TRP C 271 -21.59 34.12 22.74
CA TRP C 271 -22.39 35.09 23.48
C TRP C 271 -21.52 36.06 24.29
N LYS C 272 -20.70 35.50 25.18
CA LYS C 272 -19.81 36.29 26.03
C LYS C 272 -18.79 37.08 25.20
N GLY C 273 -18.49 36.58 24.00
CA GLY C 273 -17.52 37.21 23.09
C GLY C 273 -18.13 38.23 22.13
N SER C 274 -19.38 38.62 22.39
CA SER C 274 -20.07 39.54 21.48
C SER C 274 -20.62 40.73 22.23
N ARG C 275 -20.75 41.86 21.52
CA ARG C 275 -21.42 43.03 22.07
C ARG C 275 -22.92 42.78 22.15
N GLY C 276 -23.57 43.35 23.17
CA GLY C 276 -25.01 43.16 23.38
C GLY C 276 -25.83 43.51 22.13
N GLU C 277 -25.58 44.68 21.57
CA GLU C 277 -26.40 45.08 20.41
C GLU C 277 -26.25 44.10 19.24
N THR C 278 -25.04 43.59 19.04
CA THR C 278 -24.77 42.68 17.92
C THR C 278 -25.35 41.29 18.14
N ARG C 279 -25.25 40.77 19.36
CA ARG C 279 -25.80 39.44 19.59
C ARG C 279 -27.33 39.44 19.49
N GLN C 280 -27.97 40.54 19.89
CA GLN C 280 -29.43 40.64 19.75
C GLN C 280 -29.81 40.75 18.27
N LEU C 281 -29.04 41.56 17.54
CA LEU C 281 -29.23 41.70 16.09
C LEU C 281 -29.17 40.35 15.39
N ALA C 282 -28.13 39.58 15.71
CA ALA C 282 -27.96 38.23 15.12
C ALA C 282 -29.13 37.32 15.43
N LYS C 283 -29.58 37.34 16.69
CA LYS C 283 -30.72 36.53 17.12
C LYS C 283 -31.97 36.91 16.32
N SER C 284 -32.19 38.22 16.19
CA SER C 284 -33.35 38.73 15.45
C SER C 284 -33.31 38.36 13.97
N LEU C 285 -32.14 38.54 13.36
CA LEU C 285 -31.95 38.27 11.95
C LEU C 285 -32.12 36.79 11.66
N ALA C 286 -31.60 35.95 12.55
CA ALA C 286 -31.77 34.49 12.38
C ALA C 286 -33.27 34.13 12.34
N GLN C 287 -34.04 34.70 13.25
CA GLN C 287 -35.49 34.45 13.27
C GLN C 287 -36.14 34.95 11.99
N GLU C 288 -35.79 36.16 11.57
CA GLU C 288 -36.33 36.78 10.35
C GLU C 288 -36.06 35.98 9.06
N LEU C 289 -34.85 35.44 8.95
CA LEU C 289 -34.44 34.68 7.76
C LEU C 289 -34.72 33.17 7.85
N GLY C 290 -35.28 32.73 8.97
CA GLY C 290 -35.55 31.30 9.19
C GLY C 290 -34.31 30.44 9.30
N LEU C 291 -33.22 31.04 9.79
CA LEU C 291 -31.97 30.34 10.05
C LEU C 291 -31.94 29.81 11.49
N GLU C 292 -31.23 28.71 11.69
CA GLU C 292 -31.01 28.19 13.03
C GLU C 292 -30.16 29.18 13.82
N PHE C 293 -30.57 29.49 15.05
CA PHE C 293 -29.75 30.33 15.92
C PHE C 293 -29.04 29.46 16.93
N ILE C 294 -27.73 29.58 17.00
CA ILE C 294 -26.92 28.76 17.91
C ILE C 294 -26.22 29.70 18.88
N LYS C 295 -26.62 29.62 20.15
CA LYS C 295 -26.07 30.47 21.21
C LYS C 295 -25.08 29.66 22.03
N ASP C 296 -23.81 30.07 21.97
CA ASP C 296 -22.77 29.40 22.72
C ASP C 296 -22.41 30.25 23.94
N GLY C 297 -22.81 29.76 25.11
CA GLY C 297 -22.75 30.55 26.34
C GLY C 297 -23.98 31.45 26.42
#